data_1JGT
#
_entry.id   1JGT
#
_cell.length_a   61.352
_cell.length_b   97.873
_cell.length_c   80.969
_cell.angle_alpha   90.00
_cell.angle_beta   90.78
_cell.angle_gamma   90.00
#
_symmetry.space_group_name_H-M   'P 1 21 1'
#
loop_
_entity.id
_entity.type
_entity.pdbx_description
1 polymer 'BETA-LACTAM SYNTHETASE'
2 non-polymer 'MAGNESIUM ION'
3 non-polymer 'DIPHOSPHOMETHYLPHOSPHONIC ACID ADENOSYL ESTER'
4 non-polymer N2-(CARBOXYETHYL)-L-ARGININE
5 non-polymer GLYCEROL
6 water water
#
_entity_poly.entity_id   1
_entity_poly.type   'polypeptide(L)'
_entity_poly.pdbx_seq_one_letter_code
;MGAPVLPAAFGFLASARTGGGRAPGPVFATRGSHTDIDTPQGERSLAATLVHAPSVAPDRAVARSLTGAPTTAVLAGEIY
NRDELLSVLPAGPAPEGDAELVLRLLERYDLHAFRLVNGRFATVVRTGDRVLLATDHAGSVPLYTCVAPGEVRASTEAKA
LAAHRDPKGFPLADARRVAGLTGVYQVPAGAVMDIDLGSGTAVTHRTWTPGLSRRILPEGEAVAAVRAALEKAVAQRVTP
GDTPLVVLSGGIDSSGVAACAHRAAGELDTVSMGTDTSNEFREARAVVDHLRTRHREITIPTTELLAQLPYAVWASESVD
PDIIEYLLPLTALYRALDGPERRILTGYGADIPLGGMHREDRLPALDTVLAHDMATFDGLNEMSPVLSTLAGHWTTHPYW
DREVLDLLVSLEAGLKRRHGRDKWVLRAAMADALPAETVNRPKLGVHEGSGTTSSFSRLLLDHGVAEDRVHEAKRQVVRE
LFDLTVGGGRHPSEVDTDDVVRSVADRTARGAA
;
_entity_poly.pdbx_strand_id   A,B
#
# COMPACT_ATOMS: atom_id res chain seq x y z
N PRO A 4 -19.35 -25.44 14.43
CA PRO A 4 -19.15 -24.57 15.61
C PRO A 4 -19.52 -23.12 15.33
N VAL A 5 -20.25 -22.50 16.26
CA VAL A 5 -20.69 -21.12 16.13
C VAL A 5 -19.57 -20.15 16.53
N LEU A 6 -18.68 -20.62 17.39
CA LEU A 6 -17.59 -19.80 17.89
C LEU A 6 -16.23 -20.34 17.45
N PRO A 7 -15.23 -19.44 17.35
CA PRO A 7 -13.87 -19.81 16.96
C PRO A 7 -13.37 -20.90 17.90
N ALA A 8 -12.44 -21.73 17.44
CA ALA A 8 -11.90 -22.80 18.26
C ALA A 8 -11.16 -22.26 19.49
N ALA A 9 -10.63 -21.05 19.40
CA ALA A 9 -9.93 -20.41 20.52
C ALA A 9 -10.10 -18.90 20.44
N PHE A 10 -10.27 -18.26 21.60
CA PHE A 10 -10.41 -16.81 21.65
C PHE A 10 -9.02 -16.18 21.80
N GLY A 11 -8.15 -16.88 22.52
CA GLY A 11 -6.81 -16.36 22.75
C GLY A 11 -5.89 -17.42 23.30
N PHE A 12 -4.69 -16.99 23.69
CA PHE A 12 -3.71 -17.93 24.23
C PHE A 12 -2.52 -17.25 24.85
N LEU A 13 -1.73 -18.06 25.51
CA LEU A 13 -0.48 -17.68 26.14
C LEU A 13 0.41 -18.84 25.73
N ALA A 14 1.43 -18.57 24.90
CA ALA A 14 2.31 -19.61 24.43
C ALA A 14 3.78 -19.30 24.70
N SER A 15 4.62 -20.31 24.59
CA SER A 15 6.04 -20.11 24.80
C SER A 15 6.87 -21.17 24.11
N ALA A 16 8.12 -20.84 23.86
CA ALA A 16 9.08 -21.74 23.23
C ALA A 16 10.43 -21.33 23.80
N ARG A 17 11.10 -22.25 24.49
CA ARG A 17 12.41 -21.92 25.06
C ARG A 17 13.44 -23.04 25.08
N THR A 18 13.58 -23.68 26.24
CA THR A 18 14.55 -24.77 26.39
C THR A 18 14.00 -25.89 27.26
N GLY A 19 13.42 -25.52 28.40
CA GLY A 19 12.86 -26.52 29.29
C GLY A 19 12.55 -26.02 30.69
N GLY A 20 12.02 -24.80 30.80
CA GLY A 20 11.69 -24.24 32.09
C GLY A 20 10.28 -24.57 32.54
N GLY A 25 -0.96 -20.88 36.04
CA GLY A 25 -1.19 -20.58 34.59
C GLY A 25 -1.49 -19.11 34.33
N PRO A 26 -1.93 -18.75 33.11
CA PRO A 26 -2.23 -17.36 32.80
C PRO A 26 -3.62 -16.96 33.27
N VAL A 27 -3.84 -15.66 33.42
CA VAL A 27 -5.13 -15.12 33.83
C VAL A 27 -5.51 -14.14 32.73
N PHE A 28 -6.62 -14.42 32.03
CA PHE A 28 -7.07 -13.57 30.96
C PHE A 28 -8.32 -12.78 31.32
N ALA A 29 -8.60 -11.76 30.53
CA ALA A 29 -9.80 -10.96 30.69
C ALA A 29 -10.85 -11.76 29.93
N THR A 30 -10.39 -12.49 28.92
CA THR A 30 -11.27 -13.33 28.11
C THR A 30 -11.89 -14.39 29.02
N ARG A 31 -13.21 -14.57 28.89
CA ARG A 31 -13.93 -15.55 29.69
C ARG A 31 -14.03 -16.85 28.92
N GLY A 32 -13.78 -17.97 29.61
CA GLY A 32 -13.87 -19.24 28.95
C GLY A 32 -13.01 -20.33 29.56
N SER A 33 -13.03 -21.49 28.93
CA SER A 33 -12.26 -22.64 29.39
C SER A 33 -10.80 -22.48 29.02
N HIS A 34 -9.95 -23.22 29.72
CA HIS A 34 -8.51 -23.24 29.47
C HIS A 34 -8.14 -24.66 29.15
N THR A 35 -7.26 -24.82 28.17
CA THR A 35 -6.78 -26.13 27.77
C THR A 35 -5.32 -25.98 27.39
N ASP A 36 -4.45 -26.77 28.03
CA ASP A 36 -3.02 -26.74 27.70
C ASP A 36 -2.84 -27.77 26.59
N ILE A 37 -2.20 -27.39 25.49
CA ILE A 37 -1.99 -28.33 24.39
C ILE A 37 -0.92 -29.33 24.77
N ASP A 38 -0.93 -30.48 24.10
CA ASP A 38 0.06 -31.52 24.35
C ASP A 38 1.44 -30.98 23.96
N THR A 39 2.49 -31.51 24.59
CA THR A 39 3.85 -31.09 24.29
C THR A 39 4.67 -32.33 23.91
N PRO A 40 4.46 -32.84 22.68
CA PRO A 40 5.14 -34.02 22.13
C PRO A 40 6.67 -33.91 22.15
N GLN A 41 7.20 -32.83 21.61
CA GLN A 41 8.64 -32.61 21.57
C GLN A 41 9.19 -32.24 22.95
N GLY A 42 8.35 -32.38 23.96
CA GLY A 42 8.78 -32.06 25.32
C GLY A 42 9.13 -30.60 25.55
N GLU A 43 10.32 -30.36 26.11
CA GLU A 43 10.77 -29.01 26.41
C GLU A 43 11.10 -28.20 25.16
N ARG A 44 11.33 -28.88 24.04
CA ARG A 44 11.67 -28.20 22.80
C ARG A 44 10.49 -28.05 21.85
N SER A 45 9.28 -28.06 22.39
CA SER A 45 8.09 -27.90 21.58
C SER A 45 7.41 -26.58 21.92
N LEU A 46 6.23 -26.35 21.35
CA LEU A 46 5.51 -25.12 21.63
C LEU A 46 4.49 -25.42 22.73
N ALA A 47 4.69 -24.81 23.90
CA ALA A 47 3.76 -24.99 25.00
C ALA A 47 2.72 -23.88 24.88
N ALA A 48 1.48 -24.15 25.26
CA ALA A 48 0.45 -23.13 25.17
C ALA A 48 -0.81 -23.43 25.95
N THR A 49 -1.45 -22.38 26.45
CA THR A 49 -2.70 -22.50 27.16
C THR A 49 -3.67 -21.70 26.28
N LEU A 50 -4.72 -22.37 25.81
CA LEU A 50 -5.72 -21.74 24.95
C LEU A 50 -6.90 -21.38 25.82
N VAL A 51 -7.50 -20.21 25.60
CA VAL A 51 -8.70 -19.85 26.34
C VAL A 51 -9.77 -19.91 25.28
N HIS A 52 -10.85 -20.62 25.56
CA HIS A 52 -11.91 -20.79 24.58
C HIS A 52 -13.28 -20.99 25.22
N ALA A 53 -14.32 -21.05 24.40
CA ALA A 53 -15.67 -21.25 24.90
C ALA A 53 -15.82 -22.67 25.41
N PRO A 54 -16.51 -22.83 26.55
CA PRO A 54 -16.72 -24.16 27.13
C PRO A 54 -17.39 -25.09 26.11
N SER A 55 -18.15 -24.49 25.19
CA SER A 55 -18.89 -25.23 24.16
C SER A 55 -18.12 -25.62 22.90
N VAL A 56 -16.84 -25.29 22.82
CA VAL A 56 -16.07 -25.67 21.65
C VAL A 56 -14.85 -26.49 22.04
N ALA A 57 -14.42 -27.34 21.13
CA ALA A 57 -13.24 -28.17 21.32
C ALA A 57 -12.13 -27.30 20.77
N PRO A 58 -11.06 -27.09 21.54
CA PRO A 58 -9.95 -26.25 21.09
C PRO A 58 -9.10 -26.89 19.98
N ASP A 59 -9.41 -28.14 19.66
CA ASP A 59 -8.68 -28.91 18.63
C ASP A 59 -8.35 -28.18 17.35
N ARG A 60 -9.37 -27.62 16.72
CA ARG A 60 -9.19 -26.92 15.46
C ARG A 60 -8.32 -25.67 15.57
N ALA A 61 -7.96 -25.30 16.79
CA ALA A 61 -7.12 -24.12 17.01
C ALA A 61 -5.65 -24.49 17.08
N VAL A 62 -5.37 -25.79 17.00
CA VAL A 62 -4.00 -26.30 17.06
C VAL A 62 -3.78 -27.26 15.90
N ALA A 63 -2.62 -27.13 15.26
CA ALA A 63 -2.26 -27.99 14.15
C ALA A 63 -0.78 -28.34 14.29
N ARG A 64 -0.43 -29.55 13.87
CA ARG A 64 0.95 -30.00 13.96
C ARG A 64 1.34 -30.70 12.67
N SER A 65 2.64 -30.82 12.43
CA SER A 65 3.13 -31.51 11.25
C SER A 65 4.63 -31.67 11.38
N LEU A 66 5.22 -32.38 10.42
CA LEU A 66 6.66 -32.62 10.39
C LEU A 66 7.28 -32.00 9.15
N THR A 67 6.47 -31.29 8.37
CA THR A 67 6.96 -30.66 7.15
C THR A 67 8.05 -29.62 7.42
N GLY A 68 9.26 -29.94 6.97
CA GLY A 68 10.38 -29.03 7.17
C GLY A 68 11.07 -29.28 8.49
N ALA A 69 10.27 -29.47 9.54
CA ALA A 69 10.78 -29.72 10.89
C ALA A 69 9.56 -29.94 11.79
N PRO A 70 9.79 -30.38 13.03
CA PRO A 70 8.63 -30.60 13.92
C PRO A 70 7.92 -29.26 14.01
N THR A 71 6.65 -29.23 13.63
CA THR A 71 5.92 -27.97 13.64
C THR A 71 4.60 -27.97 14.40
N THR A 72 4.37 -26.86 15.11
CA THR A 72 3.15 -26.67 15.89
C THR A 72 2.59 -25.26 15.68
N ALA A 73 1.30 -25.17 15.35
CA ALA A 73 0.64 -23.89 15.14
C ALA A 73 -0.54 -23.71 16.10
N VAL A 74 -0.66 -22.52 16.64
CA VAL A 74 -1.76 -22.18 17.54
C VAL A 74 -2.40 -20.92 16.93
N LEU A 75 -3.72 -20.94 16.76
CA LEU A 75 -4.43 -19.81 16.19
C LEU A 75 -5.67 -19.40 16.98
N ALA A 76 -5.77 -18.12 17.28
CA ALA A 76 -6.91 -17.57 18.00
C ALA A 76 -7.74 -16.84 16.95
N GLY A 77 -9.03 -17.07 16.94
CA GLY A 77 -9.86 -16.40 15.97
C GLY A 77 -10.27 -17.29 14.80
N GLU A 78 -10.49 -16.66 13.65
CA GLU A 78 -10.95 -17.39 12.47
C GLU A 78 -10.53 -16.75 11.13
N ILE A 79 -10.65 -17.52 10.06
CA ILE A 79 -10.30 -17.05 8.72
C ILE A 79 -11.58 -17.00 7.88
N TYR A 80 -11.75 -15.92 7.11
CA TYR A 80 -12.95 -15.75 6.32
C TYR A 80 -12.87 -16.16 4.86
N ASN A 81 -11.73 -15.91 4.20
CA ASN A 81 -11.62 -16.31 2.80
C ASN A 81 -11.08 -17.74 2.68
N ARG A 82 -11.73 -18.67 3.37
CA ARG A 82 -11.31 -20.06 3.36
C ARG A 82 -11.34 -20.75 1.99
N ASP A 83 -12.41 -20.55 1.23
CA ASP A 83 -12.51 -21.18 -0.08
C ASP A 83 -11.39 -20.74 -1.01
N GLU A 84 -11.06 -19.46 -0.95
CA GLU A 84 -9.99 -18.92 -1.77
C GLU A 84 -8.67 -19.58 -1.39
N LEU A 85 -8.40 -19.64 -0.09
CA LEU A 85 -7.16 -20.23 0.40
C LEU A 85 -7.07 -21.71 0.05
N LEU A 86 -8.20 -22.41 0.10
CA LEU A 86 -8.23 -23.81 -0.21
C LEU A 86 -7.95 -24.04 -1.69
N SER A 87 -8.31 -23.06 -2.51
CA SER A 87 -8.11 -23.17 -3.95
C SER A 87 -6.66 -23.15 -4.41
N VAL A 88 -5.75 -22.63 -3.59
CA VAL A 88 -4.35 -22.59 -4.00
C VAL A 88 -3.52 -23.70 -3.40
N LEU A 89 -4.16 -24.62 -2.70
CA LEU A 89 -3.45 -25.74 -2.09
C LEU A 89 -3.52 -26.97 -2.97
N PRO A 90 -2.50 -27.84 -2.85
CA PRO A 90 -2.40 -29.08 -3.62
C PRO A 90 -3.32 -30.18 -3.09
N ALA A 91 -3.14 -31.39 -3.63
CA ALA A 91 -3.91 -32.57 -3.24
C ALA A 91 -5.38 -32.29 -2.93
N GLY A 92 -5.90 -32.96 -1.91
CA GLY A 92 -7.30 -32.80 -1.54
C GLY A 92 -7.62 -32.96 -0.06
N PRO A 93 -6.68 -33.45 0.79
CA PRO A 93 -7.03 -33.60 2.21
C PRO A 93 -7.29 -32.25 2.86
N ALA A 94 -8.55 -31.82 2.84
CA ALA A 94 -8.96 -30.55 3.42
C ALA A 94 -8.54 -30.39 4.88
N PRO A 95 -8.02 -29.21 5.25
CA PRO A 95 -7.59 -28.96 6.63
C PRO A 95 -8.75 -29.09 7.61
N GLU A 96 -8.44 -29.51 8.83
CA GLU A 96 -9.46 -29.68 9.86
C GLU A 96 -10.01 -28.32 10.30
N GLY A 97 -9.10 -27.38 10.54
CA GLY A 97 -9.51 -26.06 10.98
C GLY A 97 -8.62 -24.99 10.40
N ASP A 98 -8.71 -23.77 10.94
CA ASP A 98 -7.91 -22.66 10.44
C ASP A 98 -6.42 -22.78 10.81
N ALA A 99 -6.11 -23.37 11.95
CA ALA A 99 -4.72 -23.56 12.35
C ALA A 99 -4.02 -24.47 11.33
N GLU A 100 -4.72 -25.52 10.91
CA GLU A 100 -4.17 -26.44 9.93
C GLU A 100 -4.09 -25.80 8.55
N LEU A 101 -5.09 -24.97 8.23
CA LEU A 101 -5.11 -24.28 6.95
C LEU A 101 -3.87 -23.40 6.87
N VAL A 102 -3.55 -22.71 7.96
CA VAL A 102 -2.36 -21.86 8.00
C VAL A 102 -1.11 -22.69 7.77
N LEU A 103 -1.04 -23.84 8.42
CA LEU A 103 0.11 -24.72 8.26
C LEU A 103 0.26 -25.17 6.80
N ARG A 104 -0.85 -25.48 6.15
CA ARG A 104 -0.79 -25.89 4.74
C ARG A 104 -0.30 -24.73 3.87
N LEU A 105 -0.71 -23.51 4.20
CA LEU A 105 -0.31 -22.34 3.43
C LEU A 105 1.17 -22.03 3.63
N LEU A 106 1.64 -22.19 4.87
CA LEU A 106 3.04 -21.94 5.19
C LEU A 106 3.96 -22.89 4.40
N GLU A 107 3.50 -24.11 4.19
CA GLU A 107 4.27 -25.08 3.44
C GLU A 107 4.44 -24.65 1.99
N ARG A 108 3.48 -23.90 1.46
CA ARG A 108 3.55 -23.46 0.07
C ARG A 108 4.12 -22.06 -0.18
N TYR A 109 3.89 -21.14 0.76
CA TYR A 109 4.35 -19.75 0.61
C TYR A 109 5.25 -19.28 1.75
N ASP A 110 5.50 -20.14 2.71
CA ASP A 110 6.26 -19.75 3.90
C ASP A 110 5.54 -18.55 4.51
N LEU A 111 6.28 -17.63 5.13
CA LEU A 111 5.65 -16.48 5.78
C LEU A 111 4.78 -15.60 4.89
N HIS A 112 4.95 -15.72 3.57
CA HIS A 112 4.14 -14.92 2.65
C HIS A 112 2.69 -15.41 2.66
N ALA A 113 2.45 -16.56 3.29
CA ALA A 113 1.11 -17.11 3.40
C ALA A 113 0.17 -16.08 4.00
N PHE A 114 0.70 -15.32 4.96
CA PHE A 114 -0.10 -14.31 5.63
C PHE A 114 -0.54 -13.12 4.77
N ARG A 115 0.13 -12.91 3.65
CA ARG A 115 -0.23 -11.83 2.74
C ARG A 115 -1.52 -12.22 2.02
N LEU A 116 -1.88 -13.49 2.11
CA LEU A 116 -3.08 -14.02 1.44
C LEU A 116 -4.32 -14.14 2.32
N VAL A 117 -4.13 -14.08 3.63
CA VAL A 117 -5.24 -14.27 4.55
C VAL A 117 -6.10 -13.08 4.93
N ASN A 118 -7.42 -13.27 4.78
CA ASN A 118 -8.43 -12.29 5.16
C ASN A 118 -9.14 -12.94 6.35
N GLY A 119 -8.80 -12.51 7.56
CA GLY A 119 -9.42 -13.10 8.73
C GLY A 119 -9.46 -12.18 9.94
N ARG A 120 -9.73 -12.76 11.09
CA ARG A 120 -9.79 -12.06 12.37
C ARG A 120 -9.08 -13.08 13.25
N PHE A 121 -7.75 -12.98 13.25
CA PHE A 121 -6.94 -13.94 13.97
C PHE A 121 -5.61 -13.38 14.46
N ALA A 122 -4.96 -14.21 15.29
CA ALA A 122 -3.64 -13.95 15.84
C ALA A 122 -3.10 -15.37 15.92
N THR A 123 -1.86 -15.59 15.49
CA THR A 123 -1.32 -16.94 15.52
C THR A 123 0.17 -16.98 15.82
N VAL A 124 0.60 -18.08 16.43
CA VAL A 124 2.00 -18.29 16.75
C VAL A 124 2.37 -19.67 16.23
N VAL A 125 3.49 -19.74 15.52
CA VAL A 125 3.94 -21.01 14.96
C VAL A 125 5.38 -21.31 15.31
N ARG A 126 5.65 -22.54 15.71
CA ARG A 126 7.02 -22.93 15.96
C ARG A 126 7.33 -24.04 14.98
N THR A 127 8.39 -23.86 14.23
CA THR A 127 8.84 -24.86 13.29
C THR A 127 10.33 -24.98 13.56
N GLY A 128 10.74 -26.08 14.21
CA GLY A 128 12.13 -26.24 14.55
C GLY A 128 12.45 -25.20 15.62
N ASP A 129 13.49 -24.41 15.40
CA ASP A 129 13.84 -23.36 16.37
C ASP A 129 13.50 -21.99 15.80
N ARG A 130 12.54 -21.98 14.89
CA ARG A 130 12.08 -20.76 14.24
C ARG A 130 10.65 -20.51 14.72
N VAL A 131 10.35 -19.29 15.15
CA VAL A 131 9.02 -18.92 15.64
C VAL A 131 8.41 -17.79 14.79
N LEU A 132 7.17 -17.99 14.36
CA LEU A 132 6.47 -16.97 13.57
C LEU A 132 5.31 -16.41 14.40
N LEU A 133 5.19 -15.08 14.41
CA LEU A 133 4.10 -14.42 15.13
C LEU A 133 3.38 -13.61 14.06
N ALA A 134 2.09 -13.86 13.88
CA ALA A 134 1.36 -13.13 12.85
C ALA A 134 -0.02 -12.66 13.25
N THR A 135 -0.36 -11.46 12.76
CA THR A 135 -1.63 -10.80 13.03
C THR A 135 -2.40 -10.71 11.72
N ASP A 136 -3.70 -10.41 11.79
CA ASP A 136 -4.46 -10.26 10.56
C ASP A 136 -4.12 -8.88 9.99
N HIS A 137 -4.61 -8.56 8.80
CA HIS A 137 -4.29 -7.27 8.18
C HIS A 137 -4.48 -6.04 9.05
N ALA A 138 -5.47 -6.07 9.93
CA ALA A 138 -5.74 -4.93 10.78
C ALA A 138 -5.32 -5.13 12.23
N GLY A 139 -4.72 -6.26 12.53
CA GLY A 139 -4.33 -6.53 13.91
C GLY A 139 -5.58 -6.47 14.77
N SER A 140 -6.70 -6.94 14.23
CA SER A 140 -7.96 -6.91 14.96
C SER A 140 -7.96 -7.76 16.22
N VAL A 141 -7.08 -8.76 16.26
CA VAL A 141 -6.92 -9.62 17.43
C VAL A 141 -5.50 -9.33 17.92
N PRO A 142 -5.37 -8.50 18.97
CA PRO A 142 -4.06 -8.15 19.54
C PRO A 142 -3.17 -9.34 19.82
N LEU A 143 -1.88 -9.15 19.61
CA LEU A 143 -0.88 -10.18 19.84
C LEU A 143 0.34 -9.49 20.45
N TYR A 144 0.81 -10.02 21.56
CA TYR A 144 1.96 -9.44 22.26
C TYR A 144 3.06 -10.49 22.41
N THR A 145 4.29 -10.03 22.63
CA THR A 145 5.39 -10.95 22.77
C THR A 145 6.56 -10.42 23.59
N CYS A 146 7.31 -11.35 24.14
CA CYS A 146 8.53 -11.08 24.92
C CYS A 146 9.56 -11.95 24.22
N VAL A 147 10.64 -11.35 23.73
CA VAL A 147 11.65 -12.12 23.03
C VAL A 147 13.04 -11.94 23.63
N ALA A 148 13.68 -13.07 23.93
CA ALA A 148 15.02 -13.07 24.50
C ALA A 148 15.76 -14.24 23.86
N PRO A 149 17.10 -14.23 23.89
CA PRO A 149 17.80 -15.37 23.28
C PRO A 149 17.37 -16.65 23.99
N GLY A 150 16.82 -17.58 23.22
CA GLY A 150 16.37 -18.84 23.79
C GLY A 150 14.97 -18.85 24.40
N GLU A 151 14.27 -17.73 24.37
CA GLU A 151 12.92 -17.69 24.95
C GLU A 151 11.95 -16.74 24.25
N VAL A 152 10.89 -17.30 23.69
CA VAL A 152 9.86 -16.49 23.04
C VAL A 152 8.51 -16.77 23.68
N ARG A 153 7.90 -15.75 24.27
CA ARG A 153 6.59 -15.88 24.88
C ARG A 153 5.66 -15.03 24.06
N ALA A 154 4.47 -15.55 23.77
CA ALA A 154 3.49 -14.82 22.98
C ALA A 154 2.11 -14.92 23.63
N SER A 155 1.34 -13.84 23.58
CA SER A 155 0.02 -13.85 24.18
C SER A 155 -0.94 -12.89 23.48
N THR A 156 -2.22 -13.23 23.54
CA THR A 156 -3.22 -12.36 22.96
C THR A 156 -3.62 -11.27 23.97
N GLU A 157 -3.02 -11.32 25.15
CA GLU A 157 -3.28 -10.32 26.19
C GLU A 157 -1.95 -9.93 26.87
N ALA A 158 -1.61 -8.65 26.80
CA ALA A 158 -0.37 -8.16 27.42
C ALA A 158 -0.30 -8.47 28.91
N LYS A 159 -1.45 -8.42 29.58
CA LYS A 159 -1.53 -8.68 31.01
C LYS A 159 -0.95 -10.03 31.42
N ALA A 160 -1.06 -11.03 30.55
CA ALA A 160 -0.54 -12.36 30.86
C ALA A 160 0.99 -12.39 30.75
N LEU A 161 1.53 -11.43 30.02
CA LEU A 161 2.97 -11.32 29.81
C LEU A 161 3.60 -10.35 30.82
N ALA A 162 2.79 -9.44 31.33
CA ALA A 162 3.27 -8.46 32.31
C ALA A 162 3.50 -9.18 33.63
N ALA A 163 2.63 -10.16 33.91
CA ALA A 163 2.71 -10.94 35.13
C ALA A 163 3.97 -11.80 35.12
N HIS A 164 4.84 -11.55 34.14
CA HIS A 164 6.09 -12.30 34.00
C HIS A 164 5.84 -13.78 33.76
N PRO A 167 10.79 -10.83 33.03
CA PRO A 167 12.13 -10.59 33.60
C PRO A 167 13.17 -10.29 32.51
N LYS A 168 13.02 -10.94 31.36
CA LYS A 168 13.95 -10.73 30.25
C LYS A 168 13.18 -10.51 28.94
N GLY A 169 13.79 -9.79 28.01
CA GLY A 169 13.15 -9.53 26.74
C GLY A 169 13.76 -8.37 25.97
N PHE A 170 14.78 -8.67 25.18
CA PHE A 170 15.47 -7.67 24.37
C PHE A 170 14.48 -6.75 23.63
N PRO A 171 14.96 -5.59 23.16
CA PRO A 171 14.09 -4.66 22.44
C PRO A 171 13.87 -5.08 20.99
N LEU A 172 12.61 -5.11 20.56
CA LEU A 172 12.26 -5.49 19.19
C LEU A 172 12.01 -4.22 18.39
N ALA A 173 12.96 -3.88 17.54
CA ALA A 173 12.88 -2.67 16.72
C ALA A 173 11.54 -2.37 16.05
N ASP A 174 11.11 -3.24 15.15
CA ASP A 174 9.88 -3.01 14.40
C ASP A 174 8.54 -3.25 15.10
N ALA A 175 8.55 -3.27 16.43
CA ALA A 175 7.33 -3.49 17.19
C ALA A 175 7.23 -2.40 18.26
N ARG A 176 6.04 -2.19 18.81
CA ARG A 176 5.86 -1.17 19.84
C ARG A 176 5.82 -1.69 21.26
N ARG A 177 6.49 -0.97 22.16
CA ARG A 177 6.51 -1.33 23.59
C ARG A 177 5.14 -1.06 24.19
N VAL A 178 4.66 -1.99 25.00
CA VAL A 178 3.37 -1.80 25.66
C VAL A 178 3.58 -0.78 26.78
N ALA A 179 2.64 0.14 26.93
CA ALA A 179 2.72 1.18 27.95
C ALA A 179 3.01 0.69 29.36
N GLY A 180 4.04 1.26 29.98
CA GLY A 180 4.40 0.89 31.33
C GLY A 180 5.12 -0.44 31.44
N LEU A 181 4.61 -1.47 30.76
CA LEU A 181 5.23 -2.79 30.80
C LEU A 181 6.66 -2.66 30.32
N THR A 182 7.48 -3.66 30.62
CA THR A 182 8.88 -3.65 30.21
C THR A 182 9.21 -4.98 29.52
N GLY A 183 9.86 -4.91 28.37
CA GLY A 183 10.21 -6.11 27.65
C GLY A 183 9.04 -6.71 26.90
N VAL A 184 7.86 -6.10 27.03
CA VAL A 184 6.67 -6.59 26.34
C VAL A 184 6.35 -5.73 25.12
N TYR A 185 6.19 -6.38 23.97
CA TYR A 185 5.88 -5.68 22.74
C TYR A 185 4.60 -6.15 22.08
N GLN A 186 3.97 -5.27 21.32
CA GLN A 186 2.77 -5.63 20.61
C GLN A 186 3.18 -5.84 19.16
N VAL A 187 2.77 -6.98 18.60
CA VAL A 187 3.08 -7.30 17.22
C VAL A 187 2.24 -6.34 16.35
N PRO A 188 2.88 -5.65 15.39
CA PRO A 188 2.16 -4.71 14.51
C PRO A 188 1.04 -5.37 13.73
N ALA A 189 0.05 -4.58 13.33
CA ALA A 189 -1.07 -5.08 12.54
C ALA A 189 -0.52 -5.44 11.16
N GLY A 190 -1.17 -6.40 10.49
CA GLY A 190 -0.73 -6.82 9.17
C GLY A 190 0.74 -7.13 9.09
N ALA A 191 1.21 -7.99 9.99
CA ALA A 191 2.62 -8.31 10.00
C ALA A 191 2.90 -9.74 10.45
N VAL A 192 4.11 -10.18 10.15
CA VAL A 192 4.56 -11.48 10.57
C VAL A 192 6.00 -11.30 11.04
N MET A 193 6.24 -11.66 12.29
CA MET A 193 7.56 -11.56 12.88
C MET A 193 8.22 -12.93 12.82
N ASP A 194 9.37 -12.96 12.15
CA ASP A 194 10.16 -14.17 11.95
C ASP A 194 11.28 -14.14 12.97
N ILE A 195 11.19 -15.02 13.97
CA ILE A 195 12.17 -15.06 15.05
C ILE A 195 13.04 -16.30 15.12
N ASP A 196 14.33 -16.09 15.30
CA ASP A 196 15.29 -17.17 15.46
C ASP A 196 15.37 -17.36 16.97
N LEU A 197 14.88 -18.49 17.46
CA LEU A 197 14.84 -18.77 18.90
C LEU A 197 16.17 -18.66 19.60
N GLY A 198 17.20 -19.24 19.00
CA GLY A 198 18.53 -19.24 19.60
C GLY A 198 19.12 -17.87 19.87
N SER A 199 19.14 -17.01 18.85
CA SER A 199 19.70 -15.67 18.97
C SER A 199 18.71 -14.64 19.52
N GLY A 200 17.41 -14.93 19.43
CA GLY A 200 16.42 -13.99 19.93
C GLY A 200 16.30 -12.80 18.98
N THR A 201 16.81 -12.96 17.77
CA THR A 201 16.73 -11.88 16.79
C THR A 201 15.47 -12.03 15.96
N ALA A 202 14.83 -10.91 15.66
CA ALA A 202 13.59 -10.95 14.89
C ALA A 202 13.58 -10.04 13.67
N VAL A 203 12.86 -10.48 12.65
CA VAL A 203 12.71 -9.71 11.42
C VAL A 203 11.21 -9.64 11.16
N THR A 204 10.70 -8.43 10.99
CA THR A 204 9.27 -8.24 10.77
C THR A 204 8.94 -7.86 9.33
N HIS A 205 7.96 -8.57 8.76
CA HIS A 205 7.51 -8.32 7.39
C HIS A 205 6.06 -7.86 7.44
N ARG A 206 5.73 -6.75 6.77
CA ARG A 206 4.35 -6.29 6.74
C ARG A 206 3.66 -7.03 5.61
N THR A 207 2.45 -7.51 5.89
CA THR A 207 1.68 -8.32 4.94
C THR A 207 0.48 -7.59 4.36
N TRP A 208 0.29 -6.34 4.78
CA TRP A 208 -0.80 -5.48 4.31
C TRP A 208 -0.53 -4.07 4.78
N THR A 209 -1.02 -3.10 4.04
CA THR A 209 -0.89 -1.70 4.40
C THR A 209 -2.01 -0.95 3.71
N PRO A 210 -2.57 0.09 4.35
CA PRO A 210 -3.66 0.83 3.70
C PRO A 210 -3.26 1.38 2.36
N GLY A 211 -4.19 1.31 1.39
CA GLY A 211 -3.91 1.85 0.08
C GLY A 211 -3.86 3.36 0.23
N LEU A 212 -2.99 4.02 -0.55
CA LEU A 212 -2.84 5.48 -0.49
C LEU A 212 -3.45 6.13 -1.73
N SER A 213 -3.62 5.34 -2.78
CA SER A 213 -4.19 5.87 -4.01
C SER A 213 -5.71 5.78 -3.94
N ARG A 214 -6.41 6.51 -4.81
CA ARG A 214 -7.86 6.49 -4.81
C ARG A 214 -8.40 6.06 -6.17
N ARG A 215 -9.54 5.38 -6.13
CA ARG A 215 -10.19 4.85 -7.31
C ARG A 215 -11.42 5.65 -7.76
N ILE A 216 -11.58 5.76 -9.07
CA ILE A 216 -12.71 6.49 -9.65
C ILE A 216 -13.68 5.49 -10.27
N LEU A 217 -14.94 5.59 -9.88
CA LEU A 217 -15.97 4.69 -10.39
C LEU A 217 -17.28 5.43 -10.53
N PRO A 218 -18.08 5.09 -11.55
CA PRO A 218 -19.37 5.76 -11.71
C PRO A 218 -20.25 5.33 -10.55
N GLU A 219 -21.26 6.14 -10.22
CA GLU A 219 -22.14 5.82 -9.10
C GLU A 219 -22.66 4.38 -9.10
N GLY A 220 -23.26 3.97 -10.22
CA GLY A 220 -23.79 2.62 -10.32
C GLY A 220 -22.81 1.52 -9.95
N GLU A 221 -21.62 1.55 -10.54
CA GLU A 221 -20.63 0.52 -10.26
C GLU A 221 -20.09 0.60 -8.83
N ALA A 222 -19.89 1.81 -8.33
CA ALA A 222 -19.38 2.00 -6.97
C ALA A 222 -20.38 1.45 -5.97
N VAL A 223 -21.66 1.78 -6.19
CA VAL A 223 -22.72 1.32 -5.30
C VAL A 223 -22.84 -0.20 -5.34
N ALA A 224 -22.80 -0.76 -6.54
CA ALA A 224 -22.90 -2.21 -6.69
C ALA A 224 -21.73 -2.95 -6.04
N ALA A 225 -20.52 -2.42 -6.19
CA ALA A 225 -19.35 -3.08 -5.62
C ALA A 225 -19.36 -3.05 -4.10
N VAL A 226 -19.77 -1.92 -3.52
CA VAL A 226 -19.82 -1.79 -2.07
C VAL A 226 -20.83 -2.77 -1.48
N ARG A 227 -21.99 -2.89 -2.13
CA ARG A 227 -23.04 -3.81 -1.67
C ARG A 227 -22.54 -5.24 -1.74
N ALA A 228 -21.95 -5.60 -2.88
CA ALA A 228 -21.45 -6.96 -3.07
C ALA A 228 -20.35 -7.31 -2.08
N ALA A 229 -19.47 -6.36 -1.80
CA ALA A 229 -18.38 -6.64 -0.87
C ALA A 229 -18.88 -6.81 0.56
N LEU A 230 -19.84 -5.99 0.99
CA LEU A 230 -20.37 -6.12 2.35
C LEU A 230 -21.14 -7.42 2.51
N GLU A 231 -21.97 -7.74 1.51
CA GLU A 231 -22.75 -8.98 1.55
C GLU A 231 -21.85 -10.18 1.74
N LYS A 232 -20.75 -10.20 0.98
CA LYS A 232 -19.80 -11.30 1.05
C LYS A 232 -19.09 -11.35 2.40
N ALA A 233 -18.58 -10.22 2.85
CA ALA A 233 -17.89 -10.17 4.14
C ALA A 233 -18.80 -10.61 5.29
N VAL A 234 -20.09 -10.29 5.20
CA VAL A 234 -21.02 -10.67 6.24
C VAL A 234 -21.37 -12.15 6.13
N ALA A 235 -21.55 -12.64 4.91
CA ALA A 235 -21.87 -14.04 4.69
C ALA A 235 -20.74 -14.88 5.28
N GLN A 236 -19.51 -14.44 5.08
CA GLN A 236 -18.34 -15.14 5.61
C GLN A 236 -18.31 -15.19 7.13
N ARG A 237 -18.95 -14.21 7.75
CA ARG A 237 -18.98 -14.10 9.21
C ARG A 237 -20.19 -14.76 9.87
N VAL A 238 -21.12 -15.25 9.07
CA VAL A 238 -22.31 -15.88 9.62
C VAL A 238 -22.21 -17.38 9.46
N THR A 239 -22.34 -18.10 10.57
CA THR A 239 -22.26 -19.56 10.57
C THR A 239 -23.54 -20.16 10.00
N PRO A 240 -23.41 -21.11 9.06
CA PRO A 240 -24.61 -21.73 8.47
C PRO A 240 -25.50 -22.39 9.51
N GLY A 241 -26.80 -22.09 9.45
CA GLY A 241 -27.74 -22.66 10.39
C GLY A 241 -27.96 -21.82 11.63
N ASP A 242 -26.92 -21.12 12.09
CA ASP A 242 -27.01 -20.29 13.29
C ASP A 242 -27.45 -18.85 13.01
N THR A 243 -28.42 -18.39 13.78
CA THR A 243 -28.91 -17.03 13.66
C THR A 243 -27.97 -16.15 14.48
N PRO A 244 -27.34 -15.17 13.83
CA PRO A 244 -26.41 -14.26 14.51
C PRO A 244 -27.12 -13.11 15.20
N LEU A 245 -26.37 -12.41 16.06
CA LEU A 245 -26.89 -11.26 16.77
C LEU A 245 -26.18 -10.01 16.25
N VAL A 246 -26.95 -8.98 15.94
CA VAL A 246 -26.37 -7.73 15.47
C VAL A 246 -26.64 -6.62 16.50
N VAL A 247 -25.57 -5.96 16.96
CA VAL A 247 -25.72 -4.85 17.90
C VAL A 247 -26.11 -3.70 17.00
N LEU A 248 -27.37 -3.30 17.11
CA LEU A 248 -27.96 -2.28 16.26
C LEU A 248 -28.25 -0.91 16.86
N SER A 249 -27.87 0.14 16.15
CA SER A 249 -28.14 1.50 16.57
C SER A 249 -29.08 2.00 15.48
N GLY A 250 -29.38 3.29 15.47
CA GLY A 250 -30.27 3.79 14.44
C GLY A 250 -29.53 4.14 13.16
N GLY A 251 -28.20 4.04 13.19
CA GLY A 251 -27.37 4.40 12.04
C GLY A 251 -27.27 3.43 10.88
N ILE A 252 -26.85 3.97 9.74
CA ILE A 252 -26.70 3.19 8.51
C ILE A 252 -25.68 2.06 8.59
N ASP A 253 -24.63 2.24 9.39
CA ASP A 253 -23.59 1.20 9.49
C ASP A 253 -24.07 -0.14 10.01
N SER A 254 -24.61 -0.15 11.24
CA SER A 254 -25.11 -1.38 11.83
C SER A 254 -26.37 -1.85 11.10
N SER A 255 -27.14 -0.91 10.58
CA SER A 255 -28.35 -1.26 9.84
C SER A 255 -27.95 -2.00 8.58
N GLY A 256 -26.88 -1.55 7.93
CA GLY A 256 -26.41 -2.19 6.72
C GLY A 256 -25.96 -3.61 6.99
N VAL A 257 -25.28 -3.80 8.13
CA VAL A 257 -24.83 -5.13 8.50
C VAL A 257 -26.04 -5.99 8.82
N ALA A 258 -27.01 -5.44 9.54
CA ALA A 258 -28.21 -6.18 9.89
C ALA A 258 -28.90 -6.70 8.63
N ALA A 259 -29.06 -5.83 7.63
CA ALA A 259 -29.70 -6.25 6.38
C ALA A 259 -28.95 -7.39 5.69
N CYS A 260 -27.62 -7.31 5.66
CA CYS A 260 -26.82 -8.36 5.04
C CYS A 260 -26.83 -9.67 5.83
N ALA A 261 -26.79 -9.57 7.15
CA ALA A 261 -26.78 -10.77 7.99
C ALA A 261 -28.13 -11.47 7.91
N HIS A 262 -29.20 -10.69 7.82
CA HIS A 262 -30.53 -11.23 7.72
C HIS A 262 -30.63 -12.02 6.41
N ARG A 263 -30.16 -11.41 5.32
CA ARG A 263 -30.20 -12.07 4.02
C ARG A 263 -29.42 -13.37 4.06
N ALA A 264 -28.23 -13.33 4.66
CA ALA A 264 -27.36 -14.50 4.75
C ALA A 264 -27.85 -15.60 5.68
N ALA A 265 -28.46 -15.23 6.81
CA ALA A 265 -28.92 -16.21 7.77
C ALA A 265 -30.41 -16.58 7.60
N GLY A 266 -31.15 -15.72 6.92
CA GLY A 266 -32.57 -15.97 6.71
C GLY A 266 -33.36 -15.63 7.96
N GLU A 267 -32.65 -15.20 9.00
CA GLU A 267 -33.25 -14.84 10.28
C GLU A 267 -32.25 -13.92 10.96
N LEU A 268 -32.70 -13.11 11.91
CA LEU A 268 -31.78 -12.22 12.60
C LEU A 268 -32.22 -11.76 13.98
N ASP A 269 -31.26 -11.75 14.91
CA ASP A 269 -31.47 -11.32 16.29
C ASP A 269 -30.76 -9.97 16.41
N THR A 270 -31.42 -8.98 17.02
CA THR A 270 -30.82 -7.66 17.19
C THR A 270 -30.97 -7.16 18.63
N VAL A 271 -30.08 -6.25 19.01
CA VAL A 271 -30.10 -5.66 20.34
C VAL A 271 -29.60 -4.22 20.26
N SER A 272 -30.28 -3.31 20.94
CA SER A 272 -29.88 -1.91 20.95
C SER A 272 -29.77 -1.50 22.40
N MET A 273 -28.79 -0.66 22.70
CA MET A 273 -28.61 -0.21 24.07
C MET A 273 -28.89 1.28 24.18
N GLY A 274 -29.35 1.68 25.35
CA GLY A 274 -29.63 3.09 25.59
C GLY A 274 -29.21 3.43 27.00
N THR A 275 -29.16 4.72 27.32
CA THR A 275 -28.80 5.17 28.66
C THR A 275 -29.95 6.05 29.15
N ASP A 276 -29.80 6.65 30.32
CA ASP A 276 -30.86 7.52 30.81
C ASP A 276 -30.68 8.91 30.20
N THR A 277 -29.64 9.03 29.38
CA THR A 277 -29.32 10.28 28.71
C THR A 277 -29.83 10.30 27.27
N SER A 278 -29.73 9.16 26.58
CA SER A 278 -30.21 9.08 25.21
C SER A 278 -30.21 7.64 24.70
N ASN A 279 -30.85 7.44 23.55
CA ASN A 279 -30.93 6.13 22.94
C ASN A 279 -31.44 6.32 21.52
N GLU A 280 -31.38 5.27 20.72
CA GLU A 280 -31.87 5.33 19.35
C GLU A 280 -32.83 4.17 19.12
N PHE A 281 -33.62 3.86 20.15
CA PHE A 281 -34.56 2.75 20.06
C PHE A 281 -35.55 2.94 18.92
N ARG A 282 -36.09 4.15 18.79
CA ARG A 282 -37.04 4.44 17.73
C ARG A 282 -36.42 4.24 16.36
N GLU A 283 -35.21 4.75 16.18
CA GLU A 283 -34.50 4.62 14.91
C GLU A 283 -34.27 3.14 14.58
N ALA A 284 -33.79 2.38 15.55
CA ALA A 284 -33.52 0.97 15.35
C ALA A 284 -34.80 0.18 15.09
N ARG A 285 -35.89 0.55 15.77
CA ARG A 285 -37.15 -0.15 15.62
C ARG A 285 -37.60 -0.19 14.16
N ALA A 286 -37.38 0.90 13.44
CA ALA A 286 -37.75 0.99 12.04
C ALA A 286 -37.09 -0.14 11.25
N VAL A 287 -35.83 -0.43 11.57
CA VAL A 287 -35.11 -1.49 10.88
C VAL A 287 -35.55 -2.84 11.41
N VAL A 288 -35.80 -2.91 12.72
CA VAL A 288 -36.24 -4.15 13.34
C VAL A 288 -37.49 -4.69 12.65
N ASP A 289 -38.43 -3.81 12.36
CA ASP A 289 -39.68 -4.20 11.71
C ASP A 289 -39.52 -4.43 10.22
N HIS A 290 -38.67 -3.64 9.57
CA HIS A 290 -38.45 -3.78 8.13
C HIS A 290 -37.89 -5.17 7.82
N LEU A 291 -37.03 -5.67 8.69
CA LEU A 291 -36.42 -6.99 8.51
C LEU A 291 -37.10 -8.03 9.39
N ARG A 292 -37.94 -7.55 10.30
CA ARG A 292 -38.65 -8.40 11.24
C ARG A 292 -37.65 -9.29 11.96
N THR A 293 -36.92 -8.70 12.90
CA THR A 293 -35.93 -9.44 13.67
C THR A 293 -36.43 -9.63 15.09
N ARG A 294 -35.74 -10.47 15.86
CA ARG A 294 -36.10 -10.66 17.26
C ARG A 294 -35.29 -9.58 17.94
N HIS A 295 -35.96 -8.50 18.36
CA HIS A 295 -35.27 -7.37 18.97
C HIS A 295 -35.36 -7.26 20.49
N ARG A 296 -34.30 -6.65 21.06
CA ARG A 296 -34.20 -6.44 22.50
C ARG A 296 -33.60 -5.06 22.77
N GLU A 297 -34.18 -4.33 23.72
CA GLU A 297 -33.68 -3.01 24.08
C GLU A 297 -33.11 -3.06 25.49
N ILE A 298 -31.88 -2.60 25.65
CA ILE A 298 -31.25 -2.61 26.96
C ILE A 298 -30.88 -1.18 27.36
N THR A 299 -31.36 -0.75 28.52
CA THR A 299 -31.05 0.59 29.00
C THR A 299 -30.18 0.48 30.24
N ILE A 300 -29.02 1.12 30.19
CA ILE A 300 -28.07 1.09 31.29
C ILE A 300 -27.86 2.47 31.88
N PRO A 301 -27.93 2.60 33.22
CA PRO A 301 -27.76 3.89 33.89
C PRO A 301 -26.38 4.49 33.60
N THR A 302 -26.34 5.79 33.40
CA THR A 302 -25.09 6.49 33.13
C THR A 302 -24.04 6.09 34.16
N THR A 303 -24.50 5.87 35.40
CA THR A 303 -23.61 5.49 36.49
C THR A 303 -22.93 4.14 36.21
N GLU A 304 -23.67 3.23 35.59
CA GLU A 304 -23.14 1.91 35.28
C GLU A 304 -22.25 1.98 34.04
N LEU A 305 -22.50 2.98 33.19
CA LEU A 305 -21.73 3.16 31.98
C LEU A 305 -20.31 3.57 32.34
N LEU A 306 -20.18 4.44 33.34
CA LEU A 306 -18.86 4.90 33.77
C LEU A 306 -18.14 3.81 34.56
N ALA A 307 -18.91 2.98 35.26
CA ALA A 307 -18.33 1.90 36.04
C ALA A 307 -17.60 0.90 35.15
N GLN A 308 -17.76 1.06 33.84
CA GLN A 308 -17.11 0.17 32.87
C GLN A 308 -15.67 0.60 32.58
N LEU A 309 -15.31 1.79 33.00
CA LEU A 309 -13.97 2.32 32.77
C LEU A 309 -12.83 1.31 32.99
N PRO A 310 -12.79 0.66 34.16
CA PRO A 310 -11.71 -0.31 34.39
C PRO A 310 -11.86 -1.60 33.57
N TYR A 311 -13.10 -1.96 33.23
CA TYR A 311 -13.33 -3.16 32.43
C TYR A 311 -12.90 -2.95 30.97
N ALA A 312 -13.18 -1.76 30.45
CA ALA A 312 -12.80 -1.44 29.07
C ALA A 312 -11.28 -1.35 28.93
N VAL A 313 -10.62 -0.81 29.94
CA VAL A 313 -9.16 -0.69 29.90
C VAL A 313 -8.55 -2.08 30.02
N TRP A 314 -9.09 -2.84 30.97
CA TRP A 314 -8.64 -4.20 31.25
C TRP A 314 -8.76 -5.11 30.02
N ALA A 315 -9.91 -5.01 29.34
CA ALA A 315 -10.20 -5.82 28.16
C ALA A 315 -9.49 -5.35 26.89
N SER A 316 -9.51 -4.04 26.62
CA SER A 316 -8.87 -3.54 25.42
C SER A 316 -7.36 -3.37 25.61
N GLU A 317 -6.96 -3.15 26.86
CA GLU A 317 -5.55 -2.94 27.15
C GLU A 317 -5.07 -1.72 26.38
N SER A 318 -6.00 -0.77 26.21
CA SER A 318 -5.72 0.47 25.49
C SER A 318 -5.50 1.60 26.48
N VAL A 319 -4.68 2.57 26.10
CA VAL A 319 -4.39 3.73 26.95
C VAL A 319 -4.95 4.99 26.32
N ASP A 320 -5.69 4.85 25.22
CA ASP A 320 -6.26 6.00 24.54
C ASP A 320 -7.64 6.33 25.11
N PRO A 321 -7.76 7.49 25.77
CA PRO A 321 -8.99 7.99 26.41
C PRO A 321 -10.19 8.07 25.47
N ASP A 322 -9.95 8.57 24.26
CA ASP A 322 -11.01 8.70 23.27
C ASP A 322 -11.56 7.33 22.87
N ILE A 323 -10.67 6.36 22.67
CA ILE A 323 -11.08 5.01 22.31
C ILE A 323 -11.80 4.37 23.49
N ILE A 324 -11.27 4.59 24.69
CA ILE A 324 -11.88 4.04 25.89
C ILE A 324 -13.32 4.53 26.06
N GLU A 325 -13.57 5.79 25.70
CA GLU A 325 -14.92 6.34 25.82
C GLU A 325 -15.87 5.69 24.83
N TYR A 326 -15.39 5.48 23.60
CA TYR A 326 -16.22 4.84 22.58
C TYR A 326 -16.64 3.46 23.08
N LEU A 327 -15.69 2.77 23.70
CA LEU A 327 -15.89 1.42 24.18
C LEU A 327 -16.73 1.20 25.46
N LEU A 328 -16.97 2.26 26.23
CA LEU A 328 -17.74 2.11 27.46
C LEU A 328 -19.14 1.51 27.21
N PRO A 329 -19.91 2.10 26.29
CA PRO A 329 -21.25 1.55 26.04
C PRO A 329 -21.23 0.13 25.49
N LEU A 330 -20.32 -0.14 24.55
CA LEU A 330 -20.19 -1.45 23.94
C LEU A 330 -19.85 -2.49 25.00
N THR A 331 -18.97 -2.11 25.92
CA THR A 331 -18.56 -3.00 26.99
C THR A 331 -19.75 -3.28 27.91
N ALA A 332 -20.52 -2.24 28.23
CA ALA A 332 -21.68 -2.38 29.09
C ALA A 332 -22.68 -3.32 28.43
N LEU A 333 -22.86 -3.15 27.12
CA LEU A 333 -23.80 -3.96 26.36
C LEU A 333 -23.46 -5.44 26.35
N TYR A 334 -22.23 -5.78 25.98
CA TYR A 334 -21.82 -7.18 25.93
C TYR A 334 -22.02 -7.88 27.28
N ARG A 335 -21.67 -7.17 28.35
CA ARG A 335 -21.81 -7.71 29.70
C ARG A 335 -23.27 -7.82 30.13
N ALA A 336 -24.13 -6.98 29.57
CA ALA A 336 -25.55 -6.98 29.92
C ALA A 336 -26.37 -8.00 29.14
N LEU A 337 -25.80 -8.52 28.05
CA LEU A 337 -26.53 -9.50 27.25
C LEU A 337 -26.87 -10.72 28.09
N ASP A 338 -28.09 -11.21 27.91
CA ASP A 338 -28.54 -12.38 28.64
C ASP A 338 -28.67 -13.53 27.67
N GLY A 339 -28.65 -14.75 28.18
CA GLY A 339 -28.79 -15.90 27.32
C GLY A 339 -27.45 -16.54 27.04
N PRO A 340 -27.38 -17.42 26.04
CA PRO A 340 -26.15 -18.11 25.68
C PRO A 340 -25.13 -17.20 24.99
N GLU A 341 -23.91 -17.72 24.86
CA GLU A 341 -22.81 -17.02 24.20
C GLU A 341 -23.26 -16.83 22.75
N ARG A 342 -23.02 -15.66 22.19
CA ARG A 342 -23.43 -15.38 20.83
C ARG A 342 -22.29 -15.02 19.88
N ARG A 343 -22.56 -15.16 18.60
CA ARG A 343 -21.65 -14.75 17.53
C ARG A 343 -22.26 -13.40 17.21
N ILE A 344 -21.52 -12.32 17.42
CA ILE A 344 -22.06 -10.99 17.20
C ILE A 344 -21.37 -10.22 16.07
N LEU A 345 -22.17 -9.57 15.24
CA LEU A 345 -21.66 -8.73 14.16
C LEU A 345 -21.98 -7.28 14.49
N THR A 346 -21.04 -6.39 14.21
CA THR A 346 -21.21 -4.96 14.49
C THR A 346 -20.98 -4.16 13.23
N GLY A 347 -21.37 -2.89 13.26
CA GLY A 347 -21.15 -2.02 12.13
C GLY A 347 -20.00 -1.09 12.49
N TYR A 348 -19.22 -1.50 13.48
CA TYR A 348 -18.09 -0.70 13.94
C TYR A 348 -17.03 -0.48 12.86
N GLY A 349 -16.46 0.72 12.86
CA GLY A 349 -15.40 1.05 11.93
C GLY A 349 -15.73 1.60 10.55
N ALA A 350 -16.99 1.58 10.17
CA ALA A 350 -17.40 2.09 8.86
C ALA A 350 -17.06 3.56 8.67
N ASP A 351 -17.10 4.34 9.76
CA ASP A 351 -16.82 5.76 9.68
C ASP A 351 -15.37 6.10 9.34
N ILE A 352 -14.45 5.18 9.61
CA ILE A 352 -13.05 5.45 9.33
C ILE A 352 -12.75 5.53 7.83
N PRO A 353 -12.95 4.44 7.08
CA PRO A 353 -12.64 4.55 5.65
C PRO A 353 -13.62 5.44 4.87
N LEU A 354 -14.83 5.63 5.40
CA LEU A 354 -15.83 6.44 4.73
C LEU A 354 -15.90 7.88 5.21
N GLY A 355 -15.03 8.24 6.16
CA GLY A 355 -15.04 9.60 6.68
C GLY A 355 -16.40 9.98 7.25
N GLY A 356 -16.95 9.09 8.08
CA GLY A 356 -18.25 9.33 8.68
C GLY A 356 -18.39 10.62 9.46
N MET A 357 -17.31 11.10 10.05
CA MET A 357 -17.34 12.35 10.83
C MET A 357 -17.21 13.62 9.98
N HIS A 358 -16.97 13.48 8.68
CA HIS A 358 -16.83 14.65 7.81
C HIS A 358 -18.17 15.36 7.64
N ARG A 359 -18.19 16.66 7.93
CA ARG A 359 -19.44 17.42 7.84
C ARG A 359 -19.55 18.48 6.75
N GLU A 360 -18.57 18.57 5.86
CA GLU A 360 -18.64 19.57 4.80
C GLU A 360 -18.71 18.94 3.43
N ASP A 361 -19.18 19.71 2.45
CA ASP A 361 -19.26 19.23 1.09
C ASP A 361 -17.88 19.30 0.44
N ARG A 362 -17.02 20.19 0.96
CA ARG A 362 -15.66 20.32 0.45
C ARG A 362 -14.91 19.04 0.84
N LEU A 363 -14.26 18.42 -0.13
CA LEU A 363 -13.56 17.15 0.06
C LEU A 363 -12.14 17.07 0.59
N PRO A 364 -11.30 18.09 0.37
CA PRO A 364 -9.92 17.98 0.88
C PRO A 364 -9.76 17.42 2.29
N ALA A 365 -10.44 18.01 3.25
CA ALA A 365 -10.33 17.57 4.65
C ALA A 365 -10.77 16.13 4.87
N LEU A 366 -11.65 15.61 4.03
CA LEU A 366 -12.13 14.23 4.20
C LEU A 366 -10.97 13.26 3.97
N ASP A 367 -10.22 13.47 2.89
CA ASP A 367 -9.08 12.61 2.60
C ASP A 367 -7.92 12.81 3.57
N THR A 368 -7.78 14.02 4.10
CA THR A 368 -6.68 14.29 5.05
C THR A 368 -6.90 13.47 6.31
N VAL A 369 -8.12 13.50 6.82
CA VAL A 369 -8.45 12.76 8.03
C VAL A 369 -8.45 11.27 7.79
N LEU A 370 -8.90 10.85 6.61
CA LEU A 370 -8.92 9.44 6.25
C LEU A 370 -7.52 8.83 6.23
N ALA A 371 -6.60 9.47 5.52
CA ALA A 371 -5.21 8.98 5.42
C ALA A 371 -4.56 8.94 6.81
N HIS A 372 -4.87 9.93 7.64
CA HIS A 372 -4.31 10.00 8.98
C HIS A 372 -4.88 8.88 9.85
N ASP A 373 -6.20 8.68 9.79
CA ASP A 373 -6.83 7.62 10.56
C ASP A 373 -6.28 6.26 10.17
N MET A 374 -6.10 6.04 8.87
CA MET A 374 -5.59 4.76 8.41
C MET A 374 -4.13 4.52 8.76
N ALA A 375 -3.39 5.60 9.01
CA ALA A 375 -1.98 5.45 9.35
C ALA A 375 -1.76 5.38 10.86
N THR A 376 -2.84 5.52 11.63
CA THR A 376 -2.72 5.54 13.09
C THR A 376 -3.66 4.64 13.91
N PHE A 377 -4.40 3.74 13.25
CA PHE A 377 -5.32 2.88 13.99
C PHE A 377 -4.63 1.79 14.80
N ASP A 378 -3.48 1.33 14.33
CA ASP A 378 -2.74 0.25 14.98
C ASP A 378 -2.26 0.58 16.40
N GLY A 379 -2.66 -0.24 17.34
CA GLY A 379 -2.28 -0.02 18.73
C GLY A 379 -3.45 0.44 19.58
N LEU A 380 -4.52 0.91 18.94
CA LEU A 380 -5.69 1.39 19.65
C LEU A 380 -6.52 0.23 20.20
N ASN A 381 -6.45 -0.91 19.53
CA ASN A 381 -7.17 -2.11 19.94
C ASN A 381 -8.67 -1.92 20.05
N GLU A 382 -9.23 -0.98 19.30
CA GLU A 382 -10.66 -0.71 19.41
C GLU A 382 -11.58 -1.83 18.94
N MET A 383 -11.06 -2.76 18.16
CA MET A 383 -11.89 -3.87 17.68
C MET A 383 -11.46 -5.22 18.24
N SER A 384 -10.70 -5.19 19.33
CA SER A 384 -10.25 -6.41 19.97
C SER A 384 -11.43 -7.27 20.39
N PRO A 385 -11.35 -8.59 20.17
CA PRO A 385 -12.45 -9.47 20.55
C PRO A 385 -12.69 -9.54 22.07
N VAL A 386 -11.64 -9.27 22.85
CA VAL A 386 -11.73 -9.33 24.30
C VAL A 386 -12.83 -8.42 24.86
N LEU A 387 -13.14 -7.34 24.14
CA LEU A 387 -14.19 -6.42 24.60
C LEU A 387 -15.51 -7.16 24.76
N SER A 388 -15.73 -8.19 23.95
CA SER A 388 -16.97 -8.96 24.04
C SER A 388 -16.75 -10.34 24.68
N THR A 389 -15.58 -10.95 24.43
CA THR A 389 -15.31 -12.27 24.99
C THR A 389 -15.15 -12.25 26.50
N LEU A 390 -14.93 -11.05 27.06
CA LEU A 390 -14.81 -10.93 28.50
C LEU A 390 -16.14 -11.38 29.09
N ALA A 391 -17.17 -11.38 28.24
CA ALA A 391 -18.52 -11.79 28.63
C ALA A 391 -18.96 -13.05 27.89
N GLY A 392 -17.99 -13.75 27.30
CA GLY A 392 -18.28 -14.98 26.57
C GLY A 392 -18.72 -14.84 25.13
N HIS A 393 -18.96 -13.62 24.66
CA HIS A 393 -19.40 -13.42 23.28
C HIS A 393 -18.30 -13.11 22.27
N TRP A 394 -18.46 -13.65 21.06
CA TRP A 394 -17.52 -13.42 19.98
C TRP A 394 -18.07 -12.33 19.05
N THR A 395 -17.21 -11.35 18.75
CA THR A 395 -17.58 -10.26 17.85
C THR A 395 -16.69 -10.30 16.62
N THR A 396 -17.23 -9.81 15.51
CA THR A 396 -16.47 -9.70 14.28
C THR A 396 -17.02 -8.45 13.58
N HIS A 397 -16.14 -7.73 12.91
CA HIS A 397 -16.49 -6.45 12.29
C HIS A 397 -16.39 -6.38 10.77
N PRO A 398 -17.52 -6.63 10.08
CA PRO A 398 -17.62 -6.61 8.61
C PRO A 398 -16.95 -5.46 7.87
N TYR A 399 -17.12 -4.23 8.35
CA TYR A 399 -16.53 -3.09 7.66
C TYR A 399 -15.01 -3.12 7.61
N TRP A 400 -14.37 -3.81 8.55
CA TRP A 400 -12.91 -3.91 8.52
C TRP A 400 -12.40 -5.24 7.96
N ASP A 401 -13.26 -5.89 7.20
CA ASP A 401 -12.94 -7.12 6.49
C ASP A 401 -11.87 -6.61 5.51
N ARG A 402 -10.83 -7.40 5.21
CA ARG A 402 -9.78 -6.91 4.31
C ARG A 402 -10.29 -6.43 2.95
N GLU A 403 -11.20 -7.20 2.34
CA GLU A 403 -11.73 -6.82 1.03
C GLU A 403 -12.61 -5.58 1.10
N VAL A 404 -13.52 -5.55 2.06
CA VAL A 404 -14.40 -4.41 2.22
C VAL A 404 -13.57 -3.16 2.56
N LEU A 405 -12.61 -3.33 3.47
CA LEU A 405 -11.75 -2.22 3.88
C LEU A 405 -10.97 -1.65 2.71
N ASP A 406 -10.29 -2.52 1.95
CA ASP A 406 -9.52 -2.08 0.78
C ASP A 406 -10.40 -1.26 -0.18
N LEU A 407 -11.61 -1.75 -0.41
CA LEU A 407 -12.53 -1.09 -1.32
C LEU A 407 -12.97 0.29 -0.82
N LEU A 408 -13.48 0.35 0.41
CA LEU A 408 -13.95 1.61 0.97
C LEU A 408 -12.83 2.65 1.05
N VAL A 409 -11.65 2.24 1.51
CA VAL A 409 -10.53 3.16 1.60
C VAL A 409 -10.17 3.75 0.22
N SER A 410 -10.18 2.90 -0.80
CA SER A 410 -9.79 3.31 -2.15
C SER A 410 -10.70 4.31 -2.85
N LEU A 411 -11.99 4.28 -2.53
CA LEU A 411 -12.94 5.18 -3.20
C LEU A 411 -12.60 6.65 -3.07
N GLU A 412 -12.69 7.37 -4.19
CA GLU A 412 -12.41 8.80 -4.19
C GLU A 412 -13.40 9.51 -3.27
N ALA A 413 -12.93 10.57 -2.61
CA ALA A 413 -13.75 11.31 -1.66
C ALA A 413 -15.16 11.67 -2.11
N GLY A 414 -15.34 11.93 -3.40
CA GLY A 414 -16.64 12.30 -3.92
C GLY A 414 -17.69 11.21 -3.87
N LEU A 415 -17.27 9.98 -3.59
CA LEU A 415 -18.22 8.88 -3.47
C LEU A 415 -18.59 8.68 -2.00
N LYS A 416 -17.84 9.34 -1.11
CA LYS A 416 -18.06 9.26 0.33
C LYS A 416 -18.91 10.41 0.82
N ARG A 417 -18.69 11.59 0.23
CA ARG A 417 -19.47 12.80 0.52
C ARG A 417 -20.08 13.15 -0.83
N ARG A 418 -21.36 12.83 -1.01
CA ARG A 418 -22.00 13.10 -2.29
C ARG A 418 -23.47 13.47 -2.08
N HIS A 419 -23.98 14.36 -2.92
CA HIS A 419 -25.36 14.81 -2.83
C HIS A 419 -25.65 15.41 -1.46
N GLY A 420 -24.61 15.94 -0.83
CA GLY A 420 -24.78 16.53 0.49
C GLY A 420 -24.94 15.53 1.61
N ARG A 421 -24.67 14.24 1.33
CA ARG A 421 -24.82 13.21 2.36
C ARG A 421 -23.52 12.54 2.73
N ASP A 422 -23.37 12.20 4.02
CA ASP A 422 -22.18 11.54 4.53
C ASP A 422 -22.22 10.04 4.21
N LYS A 423 -21.06 9.44 3.98
CA LYS A 423 -20.97 8.01 3.69
C LYS A 423 -21.95 7.63 2.59
N TRP A 424 -22.06 8.50 1.59
CA TRP A 424 -23.01 8.30 0.50
C TRP A 424 -23.08 6.93 -0.13
N VAL A 425 -21.95 6.42 -0.62
CA VAL A 425 -21.94 5.14 -1.29
C VAL A 425 -22.49 3.97 -0.44
N LEU A 426 -22.32 4.02 0.87
CA LEU A 426 -22.85 2.94 1.72
C LEU A 426 -24.37 3.06 1.82
N ARG A 427 -24.86 4.29 1.94
CA ARG A 427 -26.29 4.52 2.02
C ARG A 427 -26.94 4.05 0.72
N ALA A 428 -26.35 4.45 -0.41
CA ALA A 428 -26.88 4.06 -1.71
C ALA A 428 -26.83 2.54 -1.89
N ALA A 429 -25.77 1.92 -1.40
CA ALA A 429 -25.62 0.47 -1.53
C ALA A 429 -26.71 -0.32 -0.78
N MET A 430 -27.23 0.25 0.30
CA MET A 430 -28.25 -0.45 1.09
C MET A 430 -29.66 0.10 0.88
N ALA A 431 -29.80 1.05 -0.04
CA ALA A 431 -31.09 1.68 -0.32
C ALA A 431 -32.26 0.71 -0.56
N ASP A 432 -32.03 -0.37 -1.30
CA ASP A 432 -33.11 -1.32 -1.59
C ASP A 432 -33.28 -2.43 -0.55
N ALA A 433 -32.61 -2.30 0.59
CA ALA A 433 -32.71 -3.34 1.63
C ALA A 433 -33.12 -2.78 2.99
N LEU A 434 -33.24 -1.46 3.06
CA LEU A 434 -33.61 -0.81 4.31
C LEU A 434 -34.65 0.28 4.09
N PRO A 435 -35.35 0.67 5.17
CA PRO A 435 -36.36 1.72 5.04
C PRO A 435 -35.70 3.05 4.67
N ALA A 436 -36.38 3.83 3.84
CA ALA A 436 -35.87 5.12 3.38
C ALA A 436 -35.36 6.03 4.49
N GLU A 437 -36.09 6.10 5.59
CA GLU A 437 -35.69 6.95 6.70
C GLU A 437 -34.32 6.57 7.24
N THR A 438 -34.06 5.26 7.31
CA THR A 438 -32.79 4.76 7.81
C THR A 438 -31.60 5.16 6.93
N VAL A 439 -31.68 4.88 5.63
CA VAL A 439 -30.58 5.22 4.73
C VAL A 439 -30.41 6.73 4.52
N ASN A 440 -31.48 7.49 4.72
CA ASN A 440 -31.44 8.94 4.52
C ASN A 440 -31.04 9.77 5.74
N ARG A 441 -31.30 9.24 6.93
CA ARG A 441 -30.95 9.98 8.15
C ARG A 441 -29.44 10.13 8.27
N PRO A 442 -28.95 11.38 8.17
CA PRO A 442 -27.52 11.63 8.27
C PRO A 442 -26.89 11.19 9.59
N LYS A 443 -25.57 11.05 9.57
CA LYS A 443 -24.80 10.66 10.74
C LYS A 443 -25.04 11.72 11.81
N LEU A 444 -25.18 12.96 11.35
CA LEU A 444 -25.43 14.12 12.20
C LEU A 444 -24.18 14.64 12.89
N SER A 454 -20.32 14.52 27.24
CA SER A 454 -19.56 13.29 27.59
C SER A 454 -19.72 12.96 29.08
N SER A 455 -20.28 11.80 29.37
CA SER A 455 -20.48 11.37 30.75
C SER A 455 -19.15 11.39 31.51
N PHE A 456 -18.10 10.96 30.84
CA PHE A 456 -16.77 10.93 31.43
C PHE A 456 -16.36 12.35 31.81
N SER A 457 -16.56 13.28 30.89
CA SER A 457 -16.22 14.69 31.13
C SER A 457 -17.01 15.21 32.33
N ARG A 458 -18.32 15.02 32.29
CA ARG A 458 -19.21 15.45 33.37
C ARG A 458 -18.73 14.90 34.72
N LEU A 459 -18.09 13.74 34.70
CA LEU A 459 -17.59 13.12 35.92
C LEU A 459 -16.43 13.92 36.50
N LEU A 460 -15.47 14.27 35.65
CA LEU A 460 -14.30 15.03 36.09
C LEU A 460 -14.66 16.46 36.49
N LEU A 461 -15.58 17.07 35.74
CA LEU A 461 -16.02 18.43 36.05
C LEU A 461 -16.64 18.46 37.44
N ASP A 462 -17.15 17.31 37.88
CA ASP A 462 -17.75 17.19 39.20
C ASP A 462 -16.67 17.11 40.27
N HIS A 463 -15.49 16.64 39.87
CA HIS A 463 -14.37 16.54 40.80
C HIS A 463 -13.44 17.75 40.71
N GLY A 464 -13.79 18.69 39.85
CA GLY A 464 -12.98 19.88 39.69
C GLY A 464 -11.84 19.75 38.71
N VAL A 465 -11.98 20.39 37.56
CA VAL A 465 -10.97 20.38 36.51
C VAL A 465 -11.49 21.22 35.34
N ALA A 466 -10.64 22.11 34.84
CA ALA A 466 -11.03 22.99 33.74
C ALA A 466 -10.79 22.35 32.38
N GLU A 467 -11.35 22.95 31.33
CA GLU A 467 -11.16 22.45 29.99
C GLU A 467 -9.66 22.55 29.72
N ASP A 468 -9.19 21.93 28.65
CA ASP A 468 -7.75 21.95 28.36
C ASP A 468 -7.05 21.16 29.46
N ARG A 469 -7.83 20.75 30.46
CA ARG A 469 -7.33 19.98 31.59
C ARG A 469 -8.18 18.72 31.73
N VAL A 470 -9.27 18.64 30.98
CA VAL A 470 -10.17 17.49 31.04
C VAL A 470 -9.71 16.37 30.12
N HIS A 471 -9.43 16.70 28.86
CA HIS A 471 -8.97 15.69 27.91
C HIS A 471 -7.70 15.07 28.45
N GLU A 472 -6.87 15.90 29.08
CA GLU A 472 -5.61 15.47 29.66
C GLU A 472 -5.83 14.60 30.89
N ALA A 473 -6.65 15.08 31.82
CA ALA A 473 -6.95 14.34 33.03
C ALA A 473 -7.50 12.96 32.69
N LYS A 474 -8.29 12.89 31.62
CA LYS A 474 -8.88 11.64 31.17
C LYS A 474 -7.80 10.64 30.74
N ARG A 475 -6.70 11.17 30.22
CA ARG A 475 -5.60 10.32 29.79
C ARG A 475 -4.87 9.75 31.00
N GLN A 476 -4.89 10.51 32.09
CA GLN A 476 -4.25 10.09 33.33
C GLN A 476 -5.09 9.06 34.06
N VAL A 477 -6.41 9.18 33.93
CA VAL A 477 -7.33 8.24 34.57
C VAL A 477 -7.23 6.90 33.87
N VAL A 478 -7.27 6.95 32.54
CA VAL A 478 -7.16 5.74 31.72
C VAL A 478 -5.82 5.08 31.92
N ARG A 479 -4.76 5.87 32.04
CA ARG A 479 -3.43 5.32 32.25
C ARG A 479 -3.29 4.70 33.64
N GLU A 480 -4.02 5.23 34.61
CA GLU A 480 -3.97 4.70 35.97
C GLU A 480 -4.68 3.36 36.03
N LEU A 481 -5.86 3.29 35.41
CA LEU A 481 -6.64 2.05 35.39
C LEU A 481 -5.85 0.96 34.70
N PHE A 482 -5.10 1.34 33.67
CA PHE A 482 -4.30 0.39 32.91
C PHE A 482 -3.17 -0.19 33.76
N ASP A 483 -2.43 0.68 34.44
CA ASP A 483 -1.33 0.22 35.28
C ASP A 483 -1.83 -0.70 36.39
N LEU A 484 -3.11 -0.57 36.74
CA LEU A 484 -3.68 -1.40 37.79
C LEU A 484 -4.20 -2.75 37.31
N THR A 485 -5.05 -2.72 36.28
CA THR A 485 -5.65 -3.93 35.73
C THR A 485 -4.78 -4.71 34.75
N VAL A 486 -4.01 -4.02 33.94
CA VAL A 486 -3.16 -4.69 32.96
C VAL A 486 -1.75 -4.86 33.50
N GLY A 487 -1.23 -3.81 34.12
CA GLY A 487 0.11 -3.86 34.67
C GLY A 487 0.21 -4.52 36.03
N GLY A 488 -0.83 -4.39 36.85
CA GLY A 488 -0.79 -4.98 38.17
C GLY A 488 -1.62 -6.25 38.34
N GLY A 489 -2.17 -6.74 37.24
CA GLY A 489 -2.97 -7.94 37.30
C GLY A 489 -4.05 -7.86 38.39
N ARG A 490 -4.77 -6.75 38.41
CA ARG A 490 -5.82 -6.56 39.38
C ARG A 490 -7.16 -6.51 38.65
N HIS A 491 -8.06 -7.41 39.00
CA HIS A 491 -9.37 -7.47 38.36
C HIS A 491 -10.11 -6.13 38.47
N PRO A 492 -10.84 -5.74 37.40
CA PRO A 492 -11.58 -4.48 37.37
C PRO A 492 -12.57 -4.33 38.53
N SER A 493 -13.15 -5.45 38.96
CA SER A 493 -14.12 -5.42 40.04
C SER A 493 -13.48 -5.03 41.38
N GLU A 494 -12.14 -4.98 41.40
CA GLU A 494 -11.42 -4.62 42.61
C GLU A 494 -10.82 -3.22 42.53
N VAL A 495 -11.25 -2.45 41.53
CA VAL A 495 -10.74 -1.10 41.34
C VAL A 495 -11.82 -0.05 41.60
N ASP A 496 -11.51 0.90 42.47
CA ASP A 496 -12.45 1.97 42.81
C ASP A 496 -12.27 3.10 41.79
N THR A 497 -13.10 3.09 40.74
CA THR A 497 -13.02 4.10 39.70
C THR A 497 -13.33 5.48 40.27
N ASP A 498 -13.97 5.52 41.43
CA ASP A 498 -14.29 6.77 42.10
C ASP A 498 -13.04 7.44 42.64
N ASP A 499 -12.16 6.65 43.25
CA ASP A 499 -10.94 7.19 43.82
C ASP A 499 -9.92 7.54 42.73
N VAL A 500 -9.87 6.73 41.67
CA VAL A 500 -8.93 6.97 40.58
C VAL A 500 -9.16 8.39 40.07
N VAL A 501 -10.43 8.76 39.92
CA VAL A 501 -10.79 10.09 39.47
C VAL A 501 -10.36 11.10 40.53
N ARG A 502 -10.66 10.79 41.79
CA ARG A 502 -10.31 11.64 42.92
C ARG A 502 -8.83 12.04 42.88
N SER A 503 -7.96 11.06 43.03
CA SER A 503 -6.51 11.32 43.01
C SER A 503 -6.09 12.14 41.80
N VAL A 504 -6.44 11.66 40.61
CA VAL A 504 -6.09 12.36 39.37
C VAL A 504 -6.69 13.77 39.34
N ALA A 505 -7.87 13.92 39.92
CA ALA A 505 -8.54 15.21 39.96
C ALA A 505 -7.67 16.21 40.70
N ASP A 506 -7.47 15.98 42.00
CA ASP A 506 -6.65 16.87 42.82
C ASP A 506 -5.17 16.66 42.52
N ARG A 507 -4.83 16.58 41.24
CA ARG A 507 -3.45 16.38 40.82
C ARG A 507 -3.13 17.28 39.62
N THR A 508 -4.11 18.06 39.18
CA THR A 508 -3.92 18.96 38.05
C THR A 508 -4.07 20.42 38.48
N GLY B 2 -4.25 14.31 -35.85
CA GLY B 2 -4.87 15.60 -35.42
C GLY B 2 -4.54 15.95 -33.98
N ALA B 3 -4.08 14.97 -33.21
CA ALA B 3 -3.74 15.19 -31.82
C ALA B 3 -2.22 15.13 -31.62
N PRO B 4 -1.70 15.92 -30.66
CA PRO B 4 -0.25 15.93 -30.40
C PRO B 4 0.22 14.53 -30.03
N VAL B 5 1.23 14.04 -30.76
CA VAL B 5 1.75 12.70 -30.51
C VAL B 5 2.69 12.62 -29.30
N LEU B 6 3.41 13.70 -29.00
CA LEU B 6 4.33 13.69 -27.87
C LEU B 6 3.82 14.58 -26.74
N PRO B 7 4.24 14.30 -25.49
CA PRO B 7 3.77 15.15 -24.40
C PRO B 7 4.03 16.63 -24.65
N ALA B 8 3.25 17.49 -24.02
CA ALA B 8 3.38 18.93 -24.19
C ALA B 8 4.77 19.39 -23.81
N ALA B 9 5.36 18.70 -22.84
CA ALA B 9 6.71 19.01 -22.39
C ALA B 9 7.34 17.77 -21.77
N PHE B 10 8.62 17.58 -22.06
CA PHE B 10 9.41 16.46 -21.56
C PHE B 10 9.96 16.72 -20.16
N GLY B 11 10.36 17.97 -19.92
CA GLY B 11 10.93 18.33 -18.63
C GLY B 11 10.91 19.83 -18.38
N PHE B 12 11.48 20.23 -17.25
CA PHE B 12 11.52 21.64 -16.90
C PHE B 12 12.48 21.93 -15.78
N LEU B 13 12.70 23.23 -15.56
CA LEU B 13 13.51 23.73 -14.47
C LEU B 13 12.61 24.88 -14.07
N ALA B 14 12.03 24.80 -12.88
CA ALA B 14 11.13 25.82 -12.40
C ALA B 14 11.70 26.46 -11.16
N SER B 15 11.29 27.71 -10.91
CA SER B 15 11.78 28.42 -9.74
C SER B 15 10.74 29.31 -9.10
N ALA B 16 10.70 29.28 -7.78
CA ALA B 16 9.79 30.12 -6.99
C ALA B 16 10.66 30.77 -5.95
N ARG B 17 10.88 32.08 -6.07
CA ARG B 17 11.72 32.77 -5.10
C ARG B 17 11.06 34.05 -4.62
N THR B 18 11.49 34.50 -3.44
CA THR B 18 10.98 35.70 -2.83
C THR B 18 11.49 36.92 -3.60
N GLY B 19 12.74 36.86 -4.03
CA GLY B 19 13.32 37.95 -4.79
C GLY B 19 14.62 37.53 -5.43
N GLY B 20 14.97 38.13 -6.58
CA GLY B 20 16.20 37.77 -7.25
C GLY B 20 16.11 37.82 -8.77
N GLY B 21 16.35 36.67 -9.41
CA GLY B 21 16.30 36.60 -10.85
C GLY B 21 17.42 35.74 -11.42
N PRO B 24 21.09 31.66 -15.02
CA PRO B 24 20.59 30.31 -14.69
C PRO B 24 20.02 29.55 -15.89
N GLY B 25 20.81 29.45 -16.97
CA GLY B 25 20.36 28.74 -18.15
C GLY B 25 20.41 27.23 -17.97
N PRO B 26 19.26 26.54 -17.97
CA PRO B 26 19.18 25.09 -17.81
C PRO B 26 19.99 24.25 -18.80
N VAL B 27 20.70 23.26 -18.25
CA VAL B 27 21.52 22.34 -19.03
C VAL B 27 20.84 20.98 -18.89
N PHE B 28 20.22 20.50 -19.96
CA PHE B 28 19.49 19.23 -19.94
C PHE B 28 20.08 18.17 -20.86
N ALA B 29 19.85 16.91 -20.53
CA ALA B 29 20.28 15.80 -21.37
C ALA B 29 19.14 15.64 -22.37
N THR B 30 17.93 15.99 -21.93
CA THR B 30 16.73 15.90 -22.75
C THR B 30 16.87 16.84 -23.94
N ARG B 31 16.58 16.34 -25.14
CA ARG B 31 16.68 17.14 -26.35
C ARG B 31 15.36 17.82 -26.67
N GLY B 32 15.43 19.08 -27.10
CA GLY B 32 14.22 19.81 -27.44
C GLY B 32 14.41 21.32 -27.32
N SER B 33 13.38 22.08 -27.67
CA SER B 33 13.42 23.52 -27.57
C SER B 33 13.30 23.88 -26.10
N HIS B 34 13.89 25.01 -25.72
CA HIS B 34 13.81 25.50 -24.34
C HIS B 34 12.96 26.75 -24.37
N THR B 35 11.81 26.69 -23.72
CA THR B 35 10.87 27.81 -23.69
C THR B 35 10.51 28.23 -22.27
N ASP B 36 10.73 29.50 -21.95
CA ASP B 36 10.39 30.03 -20.64
C ASP B 36 8.92 30.42 -20.63
N ILE B 37 8.24 30.18 -19.51
CA ILE B 37 6.84 30.56 -19.43
C ILE B 37 6.72 32.00 -18.97
N ASP B 38 5.58 32.62 -19.20
CA ASP B 38 5.38 34.00 -18.79
C ASP B 38 5.34 34.08 -17.26
N THR B 39 5.70 35.25 -16.74
CA THR B 39 5.72 35.50 -15.31
C THR B 39 4.90 36.77 -15.04
N PRO B 40 3.56 36.68 -15.15
CA PRO B 40 2.66 37.81 -14.94
C PRO B 40 2.67 38.45 -13.55
N GLN B 41 2.90 37.65 -12.51
CA GLN B 41 2.94 38.20 -11.15
C GLN B 41 4.36 38.59 -10.79
N GLY B 42 5.23 38.68 -11.80
CA GLY B 42 6.60 39.04 -11.54
C GLY B 42 7.32 38.07 -10.63
N GLU B 43 7.83 38.57 -9.51
CA GLU B 43 8.56 37.75 -8.56
C GLU B 43 7.68 36.78 -7.78
N ARG B 44 6.37 37.02 -7.81
CA ARG B 44 5.42 36.16 -7.11
C ARG B 44 4.87 35.05 -8.01
N SER B 45 5.33 35.01 -9.24
CA SER B 45 4.87 33.97 -10.15
C SER B 45 5.85 32.83 -10.17
N LEU B 46 5.43 31.72 -10.76
CA LEU B 46 6.29 30.55 -10.87
C LEU B 46 7.08 30.71 -12.18
N ALA B 47 8.40 30.69 -12.08
CA ALA B 47 9.23 30.81 -13.28
C ALA B 47 9.57 29.39 -13.74
N ALA B 48 9.63 29.19 -15.06
CA ALA B 48 9.95 27.86 -15.56
C ALA B 48 10.43 27.83 -17.00
N THR B 49 11.39 26.96 -17.25
CA THR B 49 11.93 26.76 -18.59
C THR B 49 11.52 25.35 -18.96
N LEU B 50 10.72 25.22 -20.01
CA LEU B 50 10.28 23.89 -20.43
C LEU B 50 11.11 23.40 -21.61
N VAL B 51 11.44 22.10 -21.62
CA VAL B 51 12.17 21.49 -22.72
C VAL B 51 11.07 20.63 -23.37
N HIS B 52 10.85 20.83 -24.67
CA HIS B 52 9.77 20.13 -25.35
C HIS B 52 10.03 19.87 -26.82
N ALA B 53 9.14 19.10 -27.43
CA ALA B 53 9.22 18.73 -28.84
C ALA B 53 9.27 19.96 -29.73
N PRO B 54 10.30 20.08 -30.57
CA PRO B 54 10.44 21.24 -31.46
C PRO B 54 9.23 21.43 -32.37
N SER B 55 8.84 22.68 -32.55
CA SER B 55 7.70 23.10 -33.39
C SER B 55 6.31 22.98 -32.74
N VAL B 56 6.22 22.32 -31.60
CA VAL B 56 4.92 22.20 -30.91
C VAL B 56 4.96 23.09 -29.65
N ALA B 57 4.25 24.21 -29.67
CA ALA B 57 4.24 25.09 -28.51
C ALA B 57 3.81 24.27 -27.28
N PRO B 58 4.50 24.46 -26.14
CA PRO B 58 4.23 23.76 -24.88
C PRO B 58 3.05 24.25 -24.04
N ASP B 59 2.11 24.95 -24.68
CA ASP B 59 0.95 25.50 -24.00
C ASP B 59 0.21 24.55 -23.06
N ARG B 60 0.03 23.31 -23.48
CA ARG B 60 -0.69 22.33 -22.69
C ARG B 60 0.06 21.84 -21.45
N ALA B 61 1.30 22.29 -21.28
CA ALA B 61 2.10 21.89 -20.11
C ALA B 61 2.01 22.96 -19.03
N VAL B 62 1.29 24.03 -19.32
CA VAL B 62 1.13 25.13 -18.36
C VAL B 62 -0.35 25.45 -18.14
N ALA B 63 -0.72 25.70 -16.89
CA ALA B 63 -2.09 26.03 -16.56
C ALA B 63 -2.08 27.12 -15.50
N ARG B 64 -3.07 28.02 -15.56
CA ARG B 64 -3.16 29.11 -14.61
C ARG B 64 -4.56 29.28 -14.04
N SER B 65 -4.64 30.05 -12.96
CA SER B 65 -5.89 30.35 -12.28
C SER B 65 -6.94 30.93 -13.24
N LEU B 66 -8.20 30.60 -12.99
CA LEU B 66 -9.32 31.09 -13.79
C LEU B 66 -9.97 32.28 -13.07
N THR B 67 -9.34 32.74 -12.00
CA THR B 67 -9.84 33.86 -11.22
C THR B 67 -8.82 35.00 -11.26
N GLY B 68 -7.85 34.88 -12.16
CA GLY B 68 -6.81 35.90 -12.29
C GLY B 68 -5.88 36.01 -11.09
N ALA B 69 -5.68 34.92 -10.36
CA ALA B 69 -4.82 34.92 -9.18
C ALA B 69 -3.45 34.26 -9.40
N PRO B 70 -2.52 34.46 -8.45
CA PRO B 70 -1.17 33.89 -8.55
C PRO B 70 -1.06 32.38 -8.35
N THR B 71 -1.64 31.62 -9.28
CA THR B 71 -1.56 30.16 -9.22
C THR B 71 -1.20 29.65 -10.61
N THR B 72 -0.10 28.89 -10.69
CA THR B 72 0.35 28.35 -11.96
C THR B 72 0.82 26.93 -11.74
N ALA B 73 0.61 26.09 -12.75
CA ALA B 73 1.03 24.71 -12.70
C ALA B 73 1.79 24.37 -13.98
N VAL B 74 2.89 23.65 -13.84
CA VAL B 74 3.68 23.22 -14.98
C VAL B 74 3.77 21.70 -14.88
N LEU B 75 3.56 21.01 -16.01
CA LEU B 75 3.61 19.55 -16.00
C LEU B 75 4.41 18.95 -17.14
N ALA B 76 5.32 18.05 -16.78
CA ALA B 76 6.15 17.36 -17.75
C ALA B 76 5.54 15.97 -17.84
N GLY B 77 5.34 15.49 -19.06
CA GLY B 77 4.77 14.17 -19.22
C GLY B 77 3.30 14.20 -19.60
N GLU B 78 2.59 13.14 -19.25
CA GLU B 78 1.18 13.04 -19.61
C GLU B 78 0.39 12.20 -18.61
N ILE B 79 -0.93 12.27 -18.70
CA ILE B 79 -1.82 11.52 -17.81
C ILE B 79 -2.62 10.51 -18.62
N TYR B 80 -2.79 9.31 -18.06
CA TYR B 80 -3.50 8.26 -18.77
C TYR B 80 -4.97 8.03 -18.45
N ASN B 81 -5.42 8.24 -17.21
CA ASN B 81 -6.83 8.01 -16.93
C ASN B 81 -7.62 9.32 -17.04
N ARG B 82 -7.54 9.93 -18.21
CA ARG B 82 -8.21 11.20 -18.44
C ARG B 82 -9.73 11.16 -18.36
N ASP B 83 -10.36 10.17 -18.98
CA ASP B 83 -11.81 10.08 -18.95
C ASP B 83 -12.30 9.93 -17.50
N GLU B 84 -11.62 9.10 -16.73
CA GLU B 84 -12.01 8.87 -15.34
C GLU B 84 -11.88 10.17 -14.52
N LEU B 85 -10.79 10.90 -14.74
CA LEU B 85 -10.55 12.15 -14.04
C LEU B 85 -11.55 13.22 -14.47
N LEU B 86 -11.84 13.27 -15.77
CA LEU B 86 -12.80 14.24 -16.28
C LEU B 86 -14.17 13.98 -15.65
N SER B 87 -14.47 12.72 -15.34
CA SER B 87 -15.77 12.37 -14.76
C SER B 87 -15.98 12.85 -13.33
N VAL B 88 -14.93 13.27 -12.64
CA VAL B 88 -15.08 13.76 -11.26
C VAL B 88 -14.98 15.29 -11.15
N LEU B 89 -14.94 15.97 -12.28
CA LEU B 89 -14.82 17.42 -12.27
C LEU B 89 -16.15 18.15 -12.45
N PRO B 90 -16.34 19.27 -11.72
CA PRO B 90 -17.57 20.08 -11.78
C PRO B 90 -17.95 20.54 -13.19
N ALA B 91 -18.50 21.74 -13.28
CA ALA B 91 -18.94 22.30 -14.56
C ALA B 91 -17.82 22.45 -15.59
N GLY B 92 -16.73 23.12 -15.19
CA GLY B 92 -15.63 23.29 -16.11
C GLY B 92 -14.81 24.55 -15.93
N PRO B 93 -14.26 25.12 -17.02
CA PRO B 93 -14.41 24.58 -18.37
C PRO B 93 -13.62 23.28 -18.59
N ALA B 94 -13.94 22.58 -19.67
CA ALA B 94 -13.28 21.33 -20.02
C ALA B 94 -11.78 21.57 -20.13
N PRO B 95 -10.98 20.94 -19.24
CA PRO B 95 -9.54 21.15 -19.30
C PRO B 95 -8.93 20.79 -20.66
N GLU B 96 -8.02 21.64 -21.12
CA GLU B 96 -7.34 21.41 -22.38
C GLU B 96 -5.87 21.24 -21.99
N GLY B 97 -5.45 19.97 -21.89
CA GLY B 97 -4.08 19.70 -21.51
C GLY B 97 -4.05 19.10 -20.11
N ASP B 98 -2.99 18.36 -19.82
CA ASP B 98 -2.85 17.70 -18.52
C ASP B 98 -2.52 18.63 -17.36
N ALA B 99 -1.83 19.74 -17.62
CA ALA B 99 -1.50 20.70 -16.55
C ALA B 99 -2.82 21.29 -16.04
N GLU B 100 -3.71 21.64 -16.96
CA GLU B 100 -5.00 22.19 -16.57
C GLU B 100 -5.86 21.15 -15.87
N LEU B 101 -5.76 19.90 -16.32
CA LEU B 101 -6.54 18.83 -15.68
C LEU B 101 -6.12 18.74 -14.22
N VAL B 102 -4.81 18.79 -14.00
CA VAL B 102 -4.27 18.72 -12.66
C VAL B 102 -4.79 19.89 -11.83
N LEU B 103 -4.75 21.08 -12.41
CA LEU B 103 -5.21 22.27 -11.70
C LEU B 103 -6.68 22.18 -11.31
N ARG B 104 -7.52 21.70 -12.23
CA ARG B 104 -8.94 21.57 -11.94
C ARG B 104 -9.13 20.54 -10.82
N LEU B 105 -8.34 19.48 -10.83
CA LEU B 105 -8.43 18.46 -9.80
C LEU B 105 -8.00 19.03 -8.45
N LEU B 106 -6.97 19.87 -8.45
CA LEU B 106 -6.48 20.47 -7.20
C LEU B 106 -7.57 21.36 -6.58
N GLU B 107 -8.42 21.92 -7.43
CA GLU B 107 -9.51 22.78 -6.96
C GLU B 107 -10.55 21.96 -6.20
N ARG B 108 -10.69 20.70 -6.56
CA ARG B 108 -11.67 19.83 -5.91
C ARG B 108 -11.14 19.01 -4.74
N TYR B 109 -9.90 18.52 -4.85
CA TYR B 109 -9.32 17.65 -3.82
C TYR B 109 -8.06 18.18 -3.18
N ASP B 110 -7.62 19.35 -3.62
CA ASP B 110 -6.36 19.92 -3.15
C ASP B 110 -5.29 18.89 -3.47
N LEU B 111 -4.27 18.74 -2.61
CA LEU B 111 -3.19 17.80 -2.90
C LEU B 111 -3.60 16.34 -3.03
N HIS B 112 -4.78 15.99 -2.54
CA HIS B 112 -5.25 14.60 -2.64
C HIS B 112 -5.56 14.24 -4.09
N ALA B 113 -5.58 15.27 -4.94
CA ALA B 113 -5.81 15.08 -6.37
C ALA B 113 -4.83 14.06 -6.95
N PHE B 114 -3.59 14.11 -6.48
CA PHE B 114 -2.57 13.20 -6.99
C PHE B 114 -2.80 11.72 -6.66
N ARG B 115 -3.66 11.43 -5.70
CA ARG B 115 -3.98 10.05 -5.34
C ARG B 115 -4.85 9.41 -6.43
N LEU B 116 -5.41 10.26 -7.28
CA LEU B 116 -6.32 9.83 -8.35
C LEU B 116 -5.69 9.66 -9.72
N VAL B 117 -4.56 10.29 -9.92
CA VAL B 117 -3.90 10.28 -11.22
C VAL B 117 -3.02 9.11 -11.58
N ASN B 118 -3.34 8.50 -12.73
CA ASN B 118 -2.54 7.40 -13.26
C ASN B 118 -1.86 7.95 -14.51
N GLY B 119 -0.57 8.28 -14.38
CA GLY B 119 0.14 8.83 -15.51
C GLY B 119 1.64 8.66 -15.46
N ARG B 120 2.32 9.45 -16.28
CA ARG B 120 3.78 9.43 -16.38
C ARG B 120 4.10 10.91 -16.41
N PHE B 121 4.31 11.49 -15.22
CA PHE B 121 4.54 12.91 -15.11
C PHE B 121 5.32 13.36 -13.87
N ALA B 122 5.70 14.63 -13.92
CA ALA B 122 6.38 15.32 -12.83
C ALA B 122 5.73 16.70 -12.90
N THR B 123 5.32 17.25 -11.77
CA THR B 123 4.68 18.56 -11.83
C THR B 123 5.02 19.50 -10.68
N VAL B 124 4.96 20.79 -10.96
CA VAL B 124 5.24 21.81 -9.95
C VAL B 124 4.11 22.84 -10.01
N VAL B 125 3.62 23.21 -8.84
CA VAL B 125 2.54 24.17 -8.77
C VAL B 125 2.88 25.22 -7.73
N ARG B 126 2.60 26.48 -8.07
CA ARG B 126 2.82 27.56 -7.11
C ARG B 126 1.49 28.29 -6.93
N THR B 127 1.05 28.39 -5.68
CA THR B 127 -0.19 29.08 -5.34
C THR B 127 0.20 30.04 -4.23
N GLY B 128 0.34 31.32 -4.54
CA GLY B 128 0.75 32.26 -3.53
C GLY B 128 2.15 31.89 -3.08
N ASP B 129 2.34 31.63 -1.79
CA ASP B 129 3.65 31.24 -1.28
C ASP B 129 3.70 29.77 -0.91
N ARG B 130 2.84 28.98 -1.55
CA ARG B 130 2.78 27.54 -1.32
C ARG B 130 3.26 26.88 -2.61
N VAL B 131 4.13 25.89 -2.48
CA VAL B 131 4.63 25.19 -3.66
C VAL B 131 4.41 23.69 -3.53
N LEU B 132 3.80 23.09 -4.55
CA LEU B 132 3.58 21.65 -4.55
C LEU B 132 4.46 20.99 -5.60
N LEU B 133 5.07 19.87 -5.24
CA LEU B 133 5.90 19.11 -6.17
C LEU B 133 5.29 17.72 -6.14
N ALA B 134 5.05 17.13 -7.30
CA ALA B 134 4.45 15.80 -7.30
C ALA B 134 4.99 14.93 -8.42
N THR B 135 5.09 13.64 -8.12
CA THR B 135 5.57 12.64 -9.07
C THR B 135 4.40 11.69 -9.33
N ASP B 136 4.53 10.81 -10.32
CA ASP B 136 3.47 9.84 -10.57
C ASP B 136 3.69 8.70 -9.57
N HIS B 137 2.79 7.71 -9.56
CA HIS B 137 2.90 6.61 -8.59
C HIS B 137 4.25 5.90 -8.49
N ALA B 138 4.94 5.75 -9.61
CA ALA B 138 6.22 5.06 -9.66
C ALA B 138 7.40 5.99 -9.83
N GLY B 139 7.16 7.31 -9.76
CA GLY B 139 8.24 8.26 -9.95
C GLY B 139 8.93 7.99 -11.29
N SER B 140 8.15 7.59 -12.30
CA SER B 140 8.70 7.27 -13.61
C SER B 140 9.34 8.47 -14.30
N VAL B 141 8.96 9.68 -13.87
CA VAL B 141 9.55 10.90 -14.40
C VAL B 141 10.29 11.53 -13.22
N PRO B 142 11.60 11.29 -13.12
CA PRO B 142 12.37 11.87 -12.01
C PRO B 142 12.14 13.35 -11.77
N LEU B 143 12.05 13.72 -10.49
CA LEU B 143 11.85 15.12 -10.09
C LEU B 143 12.78 15.42 -8.93
N TYR B 144 13.59 16.46 -9.08
CA TYR B 144 14.57 16.86 -8.06
C TYR B 144 14.26 18.27 -7.58
N THR B 145 14.77 18.61 -6.40
CA THR B 145 14.53 19.94 -5.89
C THR B 145 15.62 20.45 -4.96
N CYS B 146 15.69 21.77 -4.86
CA CYS B 146 16.62 22.48 -3.99
C CYS B 146 15.74 23.46 -3.23
N VAL B 147 15.51 23.20 -1.95
CA VAL B 147 14.65 24.05 -1.13
C VAL B 147 15.38 24.71 0.02
N ALA B 148 15.13 26.01 0.18
CA ALA B 148 15.73 26.80 1.24
C ALA B 148 14.71 27.87 1.58
N PRO B 149 14.81 28.49 2.77
CA PRO B 149 13.85 29.53 3.13
C PRO B 149 13.82 30.63 2.08
N GLY B 150 12.65 30.84 1.49
CA GLY B 150 12.51 31.87 0.48
C GLY B 150 12.74 31.42 -0.96
N GLU B 151 13.22 30.20 -1.17
CA GLU B 151 13.44 29.74 -2.55
C GLU B 151 13.32 28.25 -2.78
N VAL B 152 12.55 27.89 -3.80
CA VAL B 152 12.35 26.51 -4.19
C VAL B 152 12.72 26.38 -5.66
N ARG B 153 13.61 25.45 -5.97
CA ARG B 153 13.99 25.19 -7.36
C ARG B 153 13.69 23.73 -7.62
N ALA B 154 13.00 23.44 -8.71
CA ALA B 154 12.65 22.07 -9.03
C ALA B 154 12.98 21.75 -10.49
N SER B 155 13.48 20.55 -10.73
CA SER B 155 13.85 20.16 -12.08
C SER B 155 13.70 18.66 -12.34
N THR B 156 13.43 18.31 -13.60
CA THR B 156 13.29 16.93 -13.99
C THR B 156 14.65 16.26 -14.20
N GLU B 157 15.73 17.01 -14.03
CA GLU B 157 17.09 16.47 -14.16
C GLU B 157 17.97 17.09 -13.08
N ALA B 158 18.56 16.25 -12.24
CA ALA B 158 19.42 16.76 -11.17
C ALA B 158 20.57 17.60 -11.72
N LYS B 159 21.08 17.24 -12.89
CA LYS B 159 22.20 17.99 -13.47
C LYS B 159 21.89 19.47 -13.68
N ALA B 160 20.64 19.79 -13.98
CA ALA B 160 20.26 21.18 -14.21
C ALA B 160 20.30 21.97 -12.89
N LEU B 161 20.16 21.27 -11.77
CA LEU B 161 20.20 21.94 -10.46
C LEU B 161 21.64 22.03 -9.97
N ALA B 162 22.46 21.05 -10.33
CA ALA B 162 23.87 21.04 -9.92
C ALA B 162 24.70 22.01 -10.76
N ALA B 163 24.21 22.33 -11.95
CA ALA B 163 24.90 23.24 -12.85
C ALA B 163 25.17 24.59 -12.18
N HIS B 164 24.37 24.90 -11.17
CA HIS B 164 24.51 26.14 -10.41
C HIS B 164 25.66 25.97 -9.42
N ARG B 165 26.23 27.08 -8.97
CA ARG B 165 27.32 27.00 -8.00
C ARG B 165 26.70 26.74 -6.62
N ASP B 166 27.14 25.67 -5.98
CA ASP B 166 26.65 25.27 -4.66
C ASP B 166 25.14 25.49 -4.51
N PRO B 167 24.34 24.53 -5.00
CA PRO B 167 22.88 24.64 -4.91
C PRO B 167 22.43 24.84 -3.46
N LYS B 168 21.49 25.75 -3.26
CA LYS B 168 20.98 26.02 -1.92
C LYS B 168 19.84 25.03 -1.62
N GLY B 169 20.22 23.78 -1.37
CA GLY B 169 19.23 22.76 -1.09
C GLY B 169 19.50 22.07 0.22
N PHE B 170 18.49 22.03 1.08
CA PHE B 170 18.63 21.43 2.39
C PHE B 170 17.62 20.30 2.61
N PRO B 171 17.89 19.41 3.57
CA PRO B 171 17.02 18.27 3.90
C PRO B 171 15.52 18.53 3.94
N LEU B 172 14.77 17.59 3.38
CA LEU B 172 13.31 17.68 3.30
C LEU B 172 12.67 16.35 3.71
N ALA B 173 11.50 16.45 4.32
CA ALA B 173 10.78 15.25 4.74
C ALA B 173 10.59 14.31 3.55
N ASP B 174 11.01 13.07 3.73
CA ASP B 174 10.88 12.04 2.70
C ASP B 174 11.81 12.19 1.49
N ALA B 175 12.35 13.38 1.25
CA ALA B 175 13.23 13.60 0.10
C ALA B 175 14.64 13.06 0.38
N ARG B 176 15.17 12.27 -0.55
CA ARG B 176 16.50 11.69 -0.41
C ARG B 176 17.58 12.56 -1.04
N ARG B 177 18.69 12.72 -0.33
CA ARG B 177 19.83 13.50 -0.81
C ARG B 177 20.47 12.72 -1.97
N VAL B 178 20.76 13.41 -3.06
CA VAL B 178 21.38 12.75 -4.22
C VAL B 178 22.88 12.57 -4.00
N ALA B 179 23.31 11.31 -3.99
CA ALA B 179 24.72 10.99 -3.79
C ALA B 179 25.58 11.58 -4.90
N GLY B 180 26.70 12.18 -4.51
CA GLY B 180 27.60 12.78 -5.49
C GLY B 180 27.32 14.24 -5.76
N LEU B 181 26.22 14.75 -5.23
CA LEU B 181 25.85 16.15 -5.42
C LEU B 181 25.58 16.76 -4.05
N THR B 182 25.60 18.10 -3.97
CA THR B 182 25.33 18.79 -2.73
C THR B 182 24.16 19.73 -2.94
N GLY B 183 23.20 19.69 -2.03
CA GLY B 183 22.05 20.57 -2.13
C GLY B 183 20.95 20.07 -3.05
N VAL B 184 21.10 18.87 -3.60
CA VAL B 184 20.07 18.33 -4.49
C VAL B 184 19.37 17.11 -3.90
N TYR B 185 18.05 17.18 -3.83
CA TYR B 185 17.25 16.10 -3.28
C TYR B 185 16.27 15.57 -4.31
N GLN B 186 15.95 14.29 -4.22
CA GLN B 186 15.00 13.71 -5.18
C GLN B 186 13.64 13.50 -4.53
N VAL B 187 12.59 13.94 -5.23
CA VAL B 187 11.23 13.78 -4.72
C VAL B 187 10.91 12.29 -4.82
N PRO B 188 10.31 11.71 -3.77
CA PRO B 188 9.95 10.29 -3.77
C PRO B 188 8.88 9.96 -4.79
N ALA B 189 8.86 8.72 -5.26
CA ALA B 189 7.84 8.28 -6.21
C ALA B 189 6.52 8.27 -5.44
N GLY B 190 5.41 8.42 -6.16
CA GLY B 190 4.10 8.43 -5.52
C GLY B 190 4.03 9.37 -4.35
N ALA B 191 4.30 10.64 -4.59
CA ALA B 191 4.26 11.60 -3.51
C ALA B 191 3.99 13.02 -3.94
N VAL B 192 3.57 13.83 -2.98
CA VAL B 192 3.32 15.24 -3.20
C VAL B 192 3.90 15.97 -2.00
N MET B 193 4.83 16.88 -2.27
CA MET B 193 5.47 17.65 -1.23
C MET B 193 4.77 18.99 -1.19
N ASP B 194 4.36 19.38 0.01
CA ASP B 194 3.65 20.62 0.25
C ASP B 194 4.66 21.52 0.91
N ILE B 195 5.16 22.50 0.15
CA ILE B 195 6.20 23.39 0.66
C ILE B 195 5.78 24.81 1.00
N ASP B 196 6.18 25.26 2.19
CA ASP B 196 5.90 26.62 2.62
C ASP B 196 7.13 27.41 2.15
N LEU B 197 6.96 28.16 1.08
CA LEU B 197 8.06 28.92 0.50
C LEU B 197 8.85 29.77 1.49
N GLY B 198 8.17 30.44 2.40
CA GLY B 198 8.85 31.29 3.37
C GLY B 198 9.80 30.60 4.32
N SER B 199 9.37 29.50 4.93
CA SER B 199 10.21 28.78 5.87
C SER B 199 11.08 27.72 5.23
N GLY B 200 10.70 27.26 4.04
CA GLY B 200 11.50 26.24 3.38
C GLY B 200 11.26 24.88 4.01
N THR B 201 10.18 24.75 4.75
CA THR B 201 9.87 23.47 5.37
C THR B 201 8.80 22.79 4.54
N ALA B 202 8.78 21.47 4.57
CA ALA B 202 7.81 20.74 3.77
C ALA B 202 7.23 19.54 4.47
N VAL B 203 6.02 19.20 4.06
CA VAL B 203 5.30 18.03 4.56
C VAL B 203 5.08 17.21 3.30
N THR B 204 5.43 15.92 3.35
CA THR B 204 5.26 15.08 2.18
C THR B 204 4.17 14.06 2.42
N HIS B 205 3.36 13.84 1.39
CA HIS B 205 2.27 12.88 1.45
C HIS B 205 2.46 11.85 0.35
N ARG B 206 2.46 10.57 0.72
CA ARG B 206 2.60 9.54 -0.30
C ARG B 206 1.20 9.32 -0.88
N THR B 207 1.15 9.19 -2.20
CA THR B 207 -0.12 9.04 -2.90
C THR B 207 -0.30 7.65 -3.51
N TRP B 208 0.66 6.78 -3.28
CA TRP B 208 0.62 5.40 -3.76
C TRP B 208 1.76 4.67 -3.09
N THR B 209 1.61 3.36 -2.91
CA THR B 209 2.64 2.52 -2.32
C THR B 209 2.31 1.12 -2.80
N PRO B 210 3.34 0.32 -3.11
CA PRO B 210 3.11 -1.05 -3.58
C PRO B 210 2.28 -1.83 -2.59
N GLY B 211 1.34 -2.61 -3.10
CA GLY B 211 0.52 -3.42 -2.21
C GLY B 211 1.41 -4.47 -1.56
N LEU B 212 1.13 -4.81 -0.31
CA LEU B 212 1.93 -5.81 0.42
C LEU B 212 1.14 -7.10 0.59
N SER B 213 -0.17 -7.01 0.37
CA SER B 213 -1.05 -8.15 0.49
C SER B 213 -1.17 -8.78 -0.90
N ARG B 214 -1.73 -9.99 -0.95
CA ARG B 214 -1.92 -10.69 -2.22
C ARG B 214 -3.37 -11.19 -2.24
N ARG B 215 -3.99 -11.13 -3.41
CA ARG B 215 -5.38 -11.52 -3.53
C ARG B 215 -5.64 -12.67 -4.49
N ILE B 216 -6.22 -13.73 -3.96
CA ILE B 216 -6.54 -14.92 -4.74
C ILE B 216 -7.82 -14.66 -5.54
N LEU B 217 -7.74 -14.87 -6.84
CA LEU B 217 -8.87 -14.67 -7.75
C LEU B 217 -9.07 -15.94 -8.55
N PRO B 218 -10.30 -16.20 -9.00
CA PRO B 218 -10.52 -17.43 -9.80
C PRO B 218 -9.54 -17.36 -10.98
N GLU B 219 -8.76 -18.42 -11.15
CA GLU B 219 -7.76 -18.52 -12.21
C GLU B 219 -8.15 -17.86 -13.53
N GLY B 220 -9.16 -18.43 -14.20
CA GLY B 220 -9.61 -17.89 -15.47
C GLY B 220 -9.80 -16.39 -15.42
N GLU B 221 -10.39 -15.91 -14.33
CA GLU B 221 -10.65 -14.49 -14.13
C GLU B 221 -9.36 -13.67 -14.05
N ALA B 222 -8.39 -14.16 -13.29
CA ALA B 222 -7.11 -13.47 -13.12
C ALA B 222 -6.40 -13.23 -14.45
N VAL B 223 -6.35 -14.27 -15.27
CA VAL B 223 -5.71 -14.20 -16.57
C VAL B 223 -6.39 -13.21 -17.50
N ALA B 224 -7.71 -13.23 -17.53
CA ALA B 224 -8.47 -12.30 -18.38
C ALA B 224 -8.30 -10.87 -17.86
N ALA B 225 -8.18 -10.74 -16.54
CA ALA B 225 -8.02 -9.42 -15.94
C ALA B 225 -6.69 -8.78 -16.32
N VAL B 226 -5.64 -9.59 -16.39
CA VAL B 226 -4.33 -9.10 -16.76
C VAL B 226 -4.32 -8.62 -18.21
N ARG B 227 -4.98 -9.38 -19.08
CA ARG B 227 -5.06 -9.02 -20.49
C ARG B 227 -5.83 -7.72 -20.64
N ALA B 228 -6.97 -7.63 -19.95
CA ALA B 228 -7.80 -6.43 -20.01
C ALA B 228 -7.04 -5.19 -19.54
N ALA B 229 -6.37 -5.30 -18.40
CA ALA B 229 -5.61 -4.17 -17.87
C ALA B 229 -4.49 -3.79 -18.82
N LEU B 230 -3.77 -4.77 -19.37
CA LEU B 230 -2.69 -4.45 -20.30
C LEU B 230 -3.28 -3.76 -21.54
N GLU B 231 -4.37 -4.30 -22.07
CA GLU B 231 -4.99 -3.70 -23.26
C GLU B 231 -5.38 -2.25 -23.00
N LYS B 232 -5.94 -1.97 -21.83
CA LYS B 232 -6.34 -0.61 -21.49
C LYS B 232 -5.13 0.31 -21.35
N ALA B 233 -4.13 -0.13 -20.59
CA ALA B 233 -2.92 0.66 -20.38
C ALA B 233 -2.21 1.01 -21.69
N VAL B 234 -2.18 0.06 -22.62
CA VAL B 234 -1.53 0.31 -23.91
C VAL B 234 -2.36 1.29 -24.73
N ALA B 235 -3.67 1.08 -24.76
CA ALA B 235 -4.56 1.95 -25.53
C ALA B 235 -4.43 3.40 -25.06
N GLN B 236 -4.32 3.58 -23.75
CA GLN B 236 -4.17 4.91 -23.17
C GLN B 236 -2.88 5.59 -23.59
N ARG B 237 -1.87 4.78 -23.90
CA ARG B 237 -0.56 5.29 -24.29
C ARG B 237 -0.37 5.49 -25.79
N VAL B 238 -1.36 5.09 -26.59
CA VAL B 238 -1.26 5.24 -28.04
C VAL B 238 -2.11 6.42 -28.48
N THR B 239 -1.52 7.32 -29.26
CA THR B 239 -2.23 8.51 -29.72
C THR B 239 -3.12 8.16 -30.92
N PRO B 240 -4.40 8.52 -30.86
CA PRO B 240 -5.28 8.20 -31.99
C PRO B 240 -4.82 8.93 -33.24
N GLY B 241 -4.62 8.18 -34.32
CA GLY B 241 -4.17 8.77 -35.57
C GLY B 241 -2.69 8.58 -35.79
N ASP B 242 -2.00 8.06 -34.78
CA ASP B 242 -0.56 7.83 -34.86
C ASP B 242 -0.19 6.38 -34.58
N THR B 243 0.58 5.80 -35.48
CA THR B 243 1.04 4.43 -35.33
C THR B 243 2.27 4.50 -34.43
N PRO B 244 2.24 3.82 -33.29
CA PRO B 244 3.36 3.83 -32.36
C PRO B 244 4.48 2.87 -32.72
N LEU B 245 5.61 3.03 -32.03
CA LEU B 245 6.76 2.18 -32.23
C LEU B 245 6.94 1.36 -30.95
N VAL B 246 7.10 0.05 -31.10
CA VAL B 246 7.31 -0.80 -29.94
C VAL B 246 8.72 -1.38 -30.02
N VAL B 247 9.52 -1.20 -28.97
CA VAL B 247 10.85 -1.79 -28.99
C VAL B 247 10.61 -3.27 -28.69
N LEU B 248 10.93 -4.10 -29.68
CA LEU B 248 10.65 -5.52 -29.56
C LEU B 248 11.82 -6.49 -29.40
N SER B 249 11.64 -7.42 -28.48
CA SER B 249 12.62 -8.45 -28.18
C SER B 249 11.98 -9.80 -28.51
N GLY B 250 12.63 -10.89 -28.15
CA GLY B 250 12.06 -12.20 -28.41
C GLY B 250 11.15 -12.63 -27.26
N GLY B 251 11.21 -11.87 -26.16
CA GLY B 251 10.43 -12.19 -24.99
C GLY B 251 8.95 -11.87 -24.98
N ILE B 252 8.26 -12.45 -23.99
CA ILE B 252 6.83 -12.27 -23.82
C ILE B 252 6.44 -10.84 -23.45
N ASP B 253 7.30 -10.17 -22.69
CA ASP B 253 7.03 -8.81 -22.25
C ASP B 253 6.76 -7.85 -23.39
N SER B 254 7.76 -7.65 -24.24
CA SER B 254 7.62 -6.74 -25.36
C SER B 254 6.65 -7.27 -26.41
N SER B 255 6.59 -8.60 -26.55
CA SER B 255 5.69 -9.23 -27.50
C SER B 255 4.24 -8.91 -27.11
N GLY B 256 3.97 -9.00 -25.81
CA GLY B 256 2.64 -8.71 -25.31
C GLY B 256 2.22 -7.28 -25.59
N VAL B 257 3.13 -6.34 -25.37
CA VAL B 257 2.83 -4.92 -25.64
C VAL B 257 2.57 -4.72 -27.13
N ALA B 258 3.34 -5.39 -27.98
CA ALA B 258 3.17 -5.25 -29.42
C ALA B 258 1.78 -5.75 -29.86
N ALA B 259 1.34 -6.88 -29.31
CA ALA B 259 0.03 -7.41 -29.66
C ALA B 259 -1.06 -6.44 -29.27
N CYS B 260 -0.93 -5.85 -28.09
CA CYS B 260 -1.92 -4.89 -27.61
C CYS B 260 -1.89 -3.59 -28.43
N ALA B 261 -0.69 -3.11 -28.72
CA ALA B 261 -0.52 -1.89 -29.49
C ALA B 261 -1.06 -1.99 -30.91
N HIS B 262 -0.87 -3.14 -31.53
CA HIS B 262 -1.36 -3.35 -32.90
C HIS B 262 -2.87 -3.30 -32.91
N ARG B 263 -3.49 -3.87 -31.87
CA ARG B 263 -4.94 -3.87 -31.78
C ARG B 263 -5.44 -2.44 -31.59
N ALA B 264 -4.71 -1.67 -30.78
CA ALA B 264 -5.09 -0.29 -30.51
C ALA B 264 -4.90 0.67 -31.67
N ALA B 265 -3.83 0.48 -32.43
CA ALA B 265 -3.56 1.37 -33.56
C ALA B 265 -4.00 0.88 -34.93
N GLY B 266 -4.35 -0.41 -35.05
CA GLY B 266 -4.76 -0.94 -36.33
C GLY B 266 -3.56 -1.36 -37.17
N GLU B 267 -2.39 -0.88 -36.75
CA GLU B 267 -1.13 -1.19 -37.40
C GLU B 267 -0.02 -0.90 -36.39
N LEU B 268 1.20 -1.33 -36.69
CA LEU B 268 2.29 -1.12 -35.74
C LEU B 268 3.67 -1.10 -36.37
N ASP B 269 4.58 -0.40 -35.70
CA ASP B 269 5.96 -0.32 -36.12
C ASP B 269 6.72 -1.02 -34.99
N THR B 270 7.76 -1.76 -35.34
CA THR B 270 8.57 -2.46 -34.34
C THR B 270 10.03 -2.33 -34.70
N VAL B 271 10.87 -2.37 -33.69
CA VAL B 271 12.30 -2.27 -33.89
C VAL B 271 13.00 -3.16 -32.88
N SER B 272 14.07 -3.79 -33.31
CA SER B 272 14.86 -4.67 -32.46
C SER B 272 16.32 -4.33 -32.63
N MET B 273 17.08 -4.42 -31.54
CA MET B 273 18.49 -4.11 -31.55
C MET B 273 19.30 -5.38 -31.26
N GLY B 274 20.46 -5.48 -31.87
CA GLY B 274 21.32 -6.63 -31.66
C GLY B 274 22.77 -6.18 -31.70
N THR B 275 23.67 -7.05 -31.27
CA THR B 275 25.09 -6.72 -31.27
C THR B 275 25.81 -7.70 -32.17
N ASP B 276 27.11 -7.49 -32.32
CA ASP B 276 27.93 -8.36 -33.15
C ASP B 276 28.16 -9.70 -32.45
N THR B 277 27.59 -9.86 -31.26
CA THR B 277 27.75 -11.10 -30.50
C THR B 277 26.45 -11.87 -30.33
N SER B 278 25.35 -11.16 -30.06
CA SER B 278 24.07 -11.84 -29.89
C SER B 278 22.88 -10.98 -30.30
N ASN B 279 21.76 -11.65 -30.59
CA ASN B 279 20.53 -10.96 -30.97
C ASN B 279 19.37 -11.94 -30.91
N GLU B 280 18.16 -11.40 -30.89
CA GLU B 280 16.95 -12.22 -30.88
C GLU B 280 16.15 -11.85 -32.11
N PHE B 281 16.84 -11.59 -33.21
CA PHE B 281 16.19 -11.21 -34.45
C PHE B 281 15.19 -12.26 -34.94
N ARG B 282 15.57 -13.53 -34.89
CA ARG B 282 14.69 -14.61 -35.35
C ARG B 282 13.45 -14.72 -34.48
N GLU B 283 13.62 -14.60 -33.17
CA GLU B 283 12.50 -14.69 -32.25
C GLU B 283 11.51 -13.56 -32.48
N ALA B 284 12.01 -12.34 -32.62
CA ALA B 284 11.16 -11.19 -32.85
C ALA B 284 10.42 -11.27 -34.19
N ARG B 285 11.08 -11.78 -35.22
CA ARG B 285 10.46 -11.90 -36.54
C ARG B 285 9.20 -12.73 -36.49
N ALA B 286 9.15 -13.70 -35.58
CA ALA B 286 7.97 -14.55 -35.44
C ALA B 286 6.78 -13.69 -35.08
N VAL B 287 6.99 -12.70 -34.21
CA VAL B 287 5.92 -11.80 -33.79
C VAL B 287 5.67 -10.76 -34.87
N VAL B 288 6.73 -10.33 -35.52
CA VAL B 288 6.61 -9.36 -36.60
C VAL B 288 5.70 -9.93 -37.70
N ASP B 289 5.96 -11.18 -38.10
CA ASP B 289 5.15 -11.80 -39.13
C ASP B 289 3.73 -12.08 -38.66
N HIS B 290 3.59 -12.50 -37.40
CA HIS B 290 2.28 -12.79 -36.85
C HIS B 290 1.39 -11.56 -36.87
N LEU B 291 1.97 -10.41 -36.52
CA LEU B 291 1.23 -9.16 -36.48
C LEU B 291 1.31 -8.35 -37.75
N ARG B 292 2.26 -8.69 -38.62
CA ARG B 292 2.47 -7.98 -39.88
C ARG B 292 2.84 -6.52 -39.60
N THR B 293 3.91 -6.34 -38.84
CA THR B 293 4.37 -5.00 -38.48
C THR B 293 5.47 -4.51 -39.42
N ARG B 294 5.71 -3.21 -39.39
CA ARG B 294 6.78 -2.61 -40.17
C ARG B 294 7.95 -2.73 -39.21
N HIS B 295 8.87 -3.63 -39.50
CA HIS B 295 9.99 -3.89 -38.62
C HIS B 295 11.35 -3.42 -39.10
N ARG B 296 12.20 -3.05 -38.14
CA ARG B 296 13.55 -2.64 -38.42
C ARG B 296 14.49 -3.36 -37.47
N GLU B 297 15.60 -3.86 -38.00
CA GLU B 297 16.59 -4.55 -37.18
C GLU B 297 17.82 -3.67 -37.15
N ILE B 298 18.36 -3.47 -35.96
CA ILE B 298 19.55 -2.64 -35.79
C ILE B 298 20.65 -3.42 -35.08
N THR B 299 21.79 -3.53 -35.73
CA THR B 299 22.93 -4.24 -35.16
C THR B 299 24.02 -3.23 -34.85
N ILE B 300 24.54 -3.28 -33.63
CA ILE B 300 25.60 -2.36 -33.23
C ILE B 300 26.73 -3.12 -32.58
N PRO B 301 27.97 -2.81 -32.96
CA PRO B 301 29.15 -3.48 -32.41
C PRO B 301 29.14 -3.33 -30.89
N THR B 302 29.71 -4.31 -30.20
CA THR B 302 29.78 -4.28 -28.74
C THR B 302 30.52 -3.04 -28.26
N THR B 303 31.50 -2.58 -29.04
CA THR B 303 32.26 -1.37 -28.67
C THR B 303 31.37 -0.15 -28.68
N GLU B 304 30.33 -0.17 -29.51
CA GLU B 304 29.41 0.95 -29.59
C GLU B 304 28.43 0.90 -28.42
N LEU B 305 27.96 -0.30 -28.10
CA LEU B 305 27.04 -0.50 -26.99
C LEU B 305 27.69 -0.01 -25.69
N LEU B 306 28.94 -0.41 -25.47
CA LEU B 306 29.66 -0.02 -24.27
C LEU B 306 30.00 1.47 -24.30
N ALA B 307 30.03 2.04 -25.50
CA ALA B 307 30.33 3.46 -25.66
C ALA B 307 29.16 4.27 -25.10
N GLN B 308 28.03 3.61 -24.88
CA GLN B 308 26.84 4.27 -24.35
C GLN B 308 26.92 4.47 -22.83
N LEU B 309 27.96 3.92 -22.20
CA LEU B 309 28.10 4.05 -20.74
C LEU B 309 27.91 5.46 -20.20
N PRO B 310 28.67 6.45 -20.69
CA PRO B 310 28.49 7.81 -20.16
C PRO B 310 27.12 8.42 -20.49
N TYR B 311 26.56 8.07 -21.64
CA TYR B 311 25.25 8.56 -22.05
C TYR B 311 24.16 8.04 -21.13
N ALA B 312 24.23 6.74 -20.80
CA ALA B 312 23.25 6.10 -19.93
C ALA B 312 23.27 6.69 -18.52
N VAL B 313 24.45 6.94 -17.99
CA VAL B 313 24.60 7.50 -16.65
C VAL B 313 24.13 8.96 -16.65
N TRP B 314 24.53 9.69 -17.69
CA TRP B 314 24.18 11.09 -17.87
C TRP B 314 22.65 11.28 -17.94
N ALA B 315 22.00 10.41 -18.70
CA ALA B 315 20.56 10.47 -18.90
C ALA B 315 19.74 10.01 -17.69
N SER B 316 20.03 8.82 -17.17
CA SER B 316 19.31 8.27 -16.03
C SER B 316 19.74 8.89 -14.70
N GLU B 317 20.94 9.47 -14.69
CA GLU B 317 21.46 10.07 -13.46
C GLU B 317 21.45 9.02 -12.35
N SER B 318 21.61 7.76 -12.74
CA SER B 318 21.63 6.63 -11.83
C SER B 318 23.06 6.11 -11.62
N VAL B 319 23.37 5.64 -10.43
CA VAL B 319 24.71 5.10 -10.14
C VAL B 319 24.69 3.60 -9.88
N ASP B 320 23.55 2.96 -10.13
CA ASP B 320 23.47 1.51 -9.92
C ASP B 320 23.96 0.84 -11.20
N PRO B 321 25.10 0.12 -11.11
CA PRO B 321 25.68 -0.57 -12.28
C PRO B 321 24.76 -1.59 -12.96
N ASP B 322 23.97 -2.32 -12.17
CA ASP B 322 23.06 -3.31 -12.75
C ASP B 322 22.06 -2.62 -13.65
N ILE B 323 21.53 -1.50 -13.16
CA ILE B 323 20.55 -0.73 -13.91
C ILE B 323 21.17 -0.15 -15.18
N ILE B 324 22.35 0.45 -15.04
CA ILE B 324 23.03 1.02 -16.19
C ILE B 324 23.20 -0.01 -17.29
N GLU B 325 23.46 -1.26 -16.91
CA GLU B 325 23.62 -2.34 -17.89
C GLU B 325 22.35 -2.60 -18.68
N TYR B 326 21.21 -2.60 -17.99
CA TYR B 326 19.92 -2.84 -18.66
C TYR B 326 19.66 -1.70 -19.63
N LEU B 327 20.15 -0.52 -19.29
CA LEU B 327 19.93 0.66 -20.09
C LEU B 327 20.85 0.87 -21.29
N LEU B 328 22.03 0.25 -21.28
CA LEU B 328 22.96 0.42 -22.40
C LEU B 328 22.34 0.08 -23.74
N PRO B 329 21.70 -1.10 -23.84
CA PRO B 329 21.05 -1.54 -25.09
C PRO B 329 19.97 -0.55 -25.53
N LEU B 330 19.16 -0.09 -24.59
CA LEU B 330 18.07 0.84 -24.90
C LEU B 330 18.62 2.20 -25.32
N THR B 331 19.61 2.69 -24.59
CA THR B 331 20.22 3.98 -24.91
C THR B 331 20.75 3.95 -26.35
N ALA B 332 21.38 2.83 -26.72
CA ALA B 332 21.92 2.70 -28.06
C ALA B 332 20.79 2.65 -29.08
N LEU B 333 19.72 1.93 -28.74
CA LEU B 333 18.62 1.82 -29.67
C LEU B 333 17.97 3.18 -29.93
N TYR B 334 17.66 3.92 -28.87
CA TYR B 334 17.01 5.22 -29.06
C TYR B 334 17.85 6.20 -29.85
N ARG B 335 19.18 6.16 -29.67
CA ARG B 335 20.05 7.07 -30.41
C ARG B 335 20.22 6.64 -31.85
N ALA B 336 20.10 5.34 -32.12
CA ALA B 336 20.27 4.82 -33.47
C ALA B 336 19.03 5.01 -34.36
N LEU B 337 17.86 5.23 -33.76
CA LEU B 337 16.65 5.40 -34.55
C LEU B 337 16.77 6.52 -35.59
N ASP B 338 16.23 6.27 -36.77
CA ASP B 338 16.26 7.23 -37.87
C ASP B 338 14.86 7.70 -38.20
N GLY B 339 14.74 8.98 -38.55
CA GLY B 339 13.45 9.53 -38.91
C GLY B 339 12.87 10.45 -37.87
N PRO B 340 11.56 10.69 -37.93
CA PRO B 340 10.82 11.56 -37.01
C PRO B 340 10.87 11.11 -35.56
N GLU B 341 10.59 12.03 -34.65
CA GLU B 341 10.56 11.74 -33.21
C GLU B 341 9.38 10.79 -33.02
N ARG B 342 9.60 9.70 -32.30
CA ARG B 342 8.54 8.71 -32.12
C ARG B 342 7.98 8.59 -30.71
N ARG B 343 6.75 8.06 -30.64
CA ARG B 343 6.10 7.74 -29.38
C ARG B 343 6.43 6.26 -29.30
N ILE B 344 7.22 5.90 -28.31
CA ILE B 344 7.68 4.52 -28.15
C ILE B 344 7.07 3.84 -26.93
N LEU B 345 6.70 2.57 -27.10
CA LEU B 345 6.15 1.76 -26.00
C LEU B 345 7.10 0.58 -25.81
N THR B 346 7.37 0.21 -24.56
CA THR B 346 8.27 -0.89 -24.27
C THR B 346 7.60 -1.92 -23.37
N GLY B 347 8.23 -3.08 -23.24
CA GLY B 347 7.71 -4.12 -22.37
C GLY B 347 8.57 -4.10 -21.11
N TYR B 348 9.29 -3.01 -20.91
CA TYR B 348 10.16 -2.88 -19.74
C TYR B 348 9.40 -2.89 -18.42
N GLY B 349 9.97 -3.57 -17.41
CA GLY B 349 9.36 -3.58 -16.10
C GLY B 349 8.47 -4.74 -15.71
N ALA B 350 7.99 -5.51 -16.69
CA ALA B 350 7.12 -6.64 -16.41
C ALA B 350 7.72 -7.62 -15.42
N ASP B 351 9.03 -7.84 -15.51
CA ASP B 351 9.74 -8.78 -14.64
C ASP B 351 9.69 -8.47 -13.16
N ILE B 352 9.58 -7.20 -12.81
CA ILE B 352 9.57 -6.82 -11.41
C ILE B 352 8.39 -7.36 -10.61
N PRO B 353 7.15 -6.91 -10.90
CA PRO B 353 6.07 -7.47 -10.10
C PRO B 353 5.82 -8.96 -10.33
N LEU B 354 6.28 -9.46 -11.46
CA LEU B 354 6.07 -10.87 -11.80
C LEU B 354 7.21 -11.79 -11.39
N GLY B 355 8.30 -11.21 -10.89
CA GLY B 355 9.44 -12.01 -10.50
C GLY B 355 10.02 -12.74 -11.71
N GLY B 356 10.22 -11.99 -12.80
CA GLY B 356 10.74 -12.57 -14.01
C GLY B 356 12.10 -13.23 -13.90
N MET B 357 12.76 -13.07 -12.74
CA MET B 357 14.07 -13.66 -12.54
C MET B 357 14.02 -14.99 -11.78
N HIS B 358 12.90 -15.23 -11.10
CA HIS B 358 12.73 -16.47 -10.35
C HIS B 358 12.91 -17.66 -11.29
N ARG B 359 13.64 -18.68 -10.85
CA ARG B 359 13.91 -19.84 -11.70
C ARG B 359 13.57 -21.21 -11.13
N GLU B 360 12.73 -21.27 -10.09
CA GLU B 360 12.35 -22.55 -9.51
C GLU B 360 10.85 -22.60 -9.22
N ASP B 361 10.32 -23.81 -9.06
CA ASP B 361 8.90 -23.97 -8.78
C ASP B 361 8.55 -23.58 -7.35
N ARG B 362 9.55 -23.53 -6.48
CA ARG B 362 9.32 -23.15 -5.08
C ARG B 362 8.94 -21.67 -5.08
N LEU B 363 7.82 -21.33 -4.43
CA LEU B 363 7.32 -19.97 -4.42
C LEU B 363 7.78 -18.95 -3.36
N PRO B 364 8.20 -19.41 -2.17
CA PRO B 364 8.62 -18.43 -1.16
C PRO B 364 9.64 -17.37 -1.59
N ALA B 365 10.74 -17.80 -2.20
CA ALA B 365 11.78 -16.88 -2.66
C ALA B 365 11.27 -15.91 -3.71
N LEU B 366 10.25 -16.30 -4.46
CA LEU B 366 9.70 -15.41 -5.48
C LEU B 366 9.06 -14.19 -4.83
N ASP B 367 8.26 -14.43 -3.79
CA ASP B 367 7.62 -13.33 -3.08
C ASP B 367 8.63 -12.47 -2.34
N THR B 368 9.66 -13.10 -1.79
CA THR B 368 10.68 -12.38 -1.04
C THR B 368 11.37 -11.38 -1.95
N VAL B 369 11.83 -11.85 -3.11
CA VAL B 369 12.51 -11.00 -4.08
C VAL B 369 11.58 -9.92 -4.62
N LEU B 370 10.36 -10.30 -4.98
CA LEU B 370 9.38 -9.35 -5.49
C LEU B 370 9.12 -8.22 -4.50
N ALA B 371 8.82 -8.57 -3.25
CA ALA B 371 8.54 -7.57 -2.24
C ALA B 371 9.74 -6.64 -2.04
N HIS B 372 10.94 -7.22 -2.06
CA HIS B 372 12.13 -6.39 -1.90
C HIS B 372 12.31 -5.46 -3.10
N ASP B 373 12.08 -5.99 -4.30
CA ASP B 373 12.21 -5.17 -5.50
C ASP B 373 11.23 -3.99 -5.51
N MET B 374 9.99 -4.23 -5.11
CA MET B 374 8.98 -3.17 -5.10
C MET B 374 9.27 -2.13 -4.02
N ALA B 375 10.06 -2.50 -3.01
CA ALA B 375 10.41 -1.58 -1.94
C ALA B 375 11.72 -0.84 -2.22
N THR B 376 12.41 -1.21 -3.29
CA THR B 376 13.70 -0.57 -3.60
C THR B 376 13.87 0.00 -5.01
N PHE B 377 12.81 0.06 -5.80
CA PHE B 377 12.95 0.59 -7.17
C PHE B 377 13.13 2.11 -7.23
N ASP B 378 12.60 2.81 -6.24
CA ASP B 378 12.65 4.27 -6.23
C ASP B 378 14.05 4.84 -6.09
N GLY B 379 14.45 5.66 -7.05
CA GLY B 379 15.78 6.25 -7.02
C GLY B 379 16.69 5.62 -8.08
N LEU B 380 16.27 4.49 -8.63
CA LEU B 380 17.05 3.81 -9.67
C LEU B 380 16.87 4.52 -11.02
N ASN B 381 15.78 5.24 -11.15
CA ASN B 381 15.44 6.00 -12.38
C ASN B 381 15.50 5.19 -13.66
N GLU B 382 15.34 3.87 -13.54
CA GLU B 382 15.42 2.99 -14.72
C GLU B 382 14.43 3.22 -15.85
N MET B 383 13.26 3.81 -15.55
CA MET B 383 12.26 4.07 -16.59
C MET B 383 12.08 5.55 -16.91
N SER B 384 13.10 6.35 -16.61
CA SER B 384 13.06 7.77 -16.89
C SER B 384 12.89 8.04 -18.38
N PRO B 385 12.13 9.08 -18.73
CA PRO B 385 11.92 9.39 -20.15
C PRO B 385 13.19 9.93 -20.83
N VAL B 386 14.07 10.53 -20.04
CA VAL B 386 15.31 11.11 -20.57
C VAL B 386 16.15 10.11 -21.36
N LEU B 387 16.05 8.83 -21.01
CA LEU B 387 16.80 7.81 -21.71
C LEU B 387 16.50 7.84 -23.21
N SER B 388 15.25 8.12 -23.55
CA SER B 388 14.85 8.19 -24.95
C SER B 388 14.77 9.63 -25.48
N THR B 389 14.36 10.58 -24.62
CA THR B 389 14.24 11.97 -25.05
C THR B 389 15.59 12.63 -25.34
N LEU B 390 16.69 12.00 -24.91
CA LEU B 390 18.00 12.57 -25.19
C LEU B 390 18.17 12.51 -26.71
N ALA B 391 17.33 11.69 -27.35
CA ALA B 391 17.33 11.54 -28.79
C ALA B 391 16.05 12.10 -29.38
N GLY B 392 15.22 12.70 -28.54
CA GLY B 392 13.98 13.30 -29.00
C GLY B 392 12.75 12.41 -29.04
N HIS B 393 12.90 11.14 -28.67
CA HIS B 393 11.79 10.19 -28.67
C HIS B 393 11.17 10.07 -27.29
N TRP B 394 9.86 9.90 -27.24
CA TRP B 394 9.16 9.72 -25.97
C TRP B 394 8.94 8.24 -25.72
N THR B 395 9.16 7.80 -24.48
CA THR B 395 8.93 6.40 -24.14
C THR B 395 7.91 6.29 -23.02
N THR B 396 7.13 5.22 -23.06
CA THR B 396 6.18 4.96 -22.00
C THR B 396 6.14 3.44 -21.81
N HIS B 397 5.95 3.03 -20.56
CA HIS B 397 6.01 1.62 -20.17
C HIS B 397 4.71 1.08 -19.57
N PRO B 398 3.88 0.43 -20.40
CA PRO B 398 2.59 -0.15 -19.99
C PRO B 398 2.59 -1.06 -18.75
N TYR B 399 3.64 -1.85 -18.54
CA TYR B 399 3.60 -2.74 -17.39
C TYR B 399 3.65 -2.05 -16.04
N TRP B 400 4.12 -0.81 -16.04
CA TRP B 400 4.18 -0.05 -14.79
C TRP B 400 3.08 0.99 -14.71
N ASP B 401 2.05 0.78 -15.52
CA ASP B 401 0.86 1.61 -15.49
C ASP B 401 0.34 1.31 -14.08
N ARG B 402 -0.23 2.30 -13.39
CA ARG B 402 -0.70 2.07 -12.03
C ARG B 402 -1.71 0.91 -11.90
N GLU B 403 -2.64 0.79 -12.84
CA GLU B 403 -3.63 -0.29 -12.76
C GLU B 403 -3.02 -1.65 -13.02
N VAL B 404 -2.16 -1.73 -14.03
CA VAL B 404 -1.50 -2.99 -14.37
C VAL B 404 -0.56 -3.39 -13.23
N LEU B 405 0.18 -2.42 -12.74
CA LEU B 405 1.12 -2.67 -11.67
C LEU B 405 0.43 -3.20 -10.41
N ASP B 406 -0.64 -2.53 -9.96
CA ASP B 406 -1.38 -2.97 -8.78
C ASP B 406 -1.87 -4.39 -8.95
N LEU B 407 -2.41 -4.69 -10.11
CA LEU B 407 -2.93 -6.02 -10.35
C LEU B 407 -1.83 -7.07 -10.34
N LEU B 408 -0.75 -6.85 -11.10
CA LEU B 408 0.32 -7.83 -11.13
C LEU B 408 0.98 -8.02 -9.77
N VAL B 409 1.17 -6.94 -9.02
CA VAL B 409 1.78 -7.06 -7.70
C VAL B 409 0.90 -7.91 -6.77
N SER B 410 -0.42 -7.70 -6.82
CA SER B 410 -1.37 -8.40 -5.97
C SER B 410 -1.58 -9.89 -6.20
N LEU B 411 -1.29 -10.39 -7.41
CA LEU B 411 -1.51 -11.81 -7.67
C LEU B 411 -0.65 -12.73 -6.82
N GLU B 412 -1.23 -13.84 -6.39
CA GLU B 412 -0.50 -14.80 -5.58
C GLU B 412 0.63 -15.38 -6.44
N ALA B 413 1.75 -15.73 -5.80
CA ALA B 413 2.93 -16.25 -6.48
C ALA B 413 2.68 -17.44 -7.41
N GLY B 414 1.72 -18.29 -7.08
CA GLY B 414 1.42 -19.45 -7.90
C GLY B 414 0.98 -19.09 -9.30
N LEU B 415 0.62 -17.83 -9.51
CA LEU B 415 0.20 -17.38 -10.83
C LEU B 415 1.39 -16.79 -11.58
N LYS B 416 2.43 -16.40 -10.85
CA LYS B 416 3.60 -15.82 -11.47
C LYS B 416 4.59 -16.88 -11.93
N ARG B 417 4.67 -17.97 -11.17
CA ARG B 417 5.54 -19.10 -11.49
C ARG B 417 4.67 -20.35 -11.48
N ARG B 418 4.47 -20.94 -12.65
CA ARG B 418 3.62 -22.12 -12.74
C ARG B 418 3.92 -22.97 -13.96
N HIS B 419 3.48 -24.23 -13.90
CA HIS B 419 3.70 -25.16 -15.00
C HIS B 419 5.15 -25.10 -15.44
N GLY B 420 6.03 -24.76 -14.50
CA GLY B 420 7.45 -24.67 -14.79
C GLY B 420 7.86 -23.49 -15.66
N ARG B 421 6.96 -22.52 -15.81
CA ARG B 421 7.25 -21.33 -16.63
C ARG B 421 7.20 -20.03 -15.82
N ASP B 422 8.06 -19.09 -16.19
CA ASP B 422 8.12 -17.79 -15.53
C ASP B 422 7.03 -16.88 -16.07
N LYS B 423 6.62 -15.90 -15.27
CA LYS B 423 5.60 -14.95 -15.67
C LYS B 423 4.46 -15.65 -16.38
N TRP B 424 4.08 -16.81 -15.87
CA TRP B 424 3.03 -17.60 -16.49
C TRP B 424 1.74 -16.83 -16.76
N VAL B 425 1.26 -16.08 -15.76
CA VAL B 425 0.01 -15.36 -15.94
C VAL B 425 0.02 -14.44 -17.16
N LEU B 426 1.18 -13.89 -17.50
CA LEU B 426 1.27 -13.00 -18.65
C LEU B 426 1.31 -13.81 -19.94
N ARG B 427 1.96 -14.97 -19.88
CA ARG B 427 2.05 -15.83 -21.05
C ARG B 427 0.65 -16.35 -21.40
N ALA B 428 -0.10 -16.72 -20.37
CA ALA B 428 -1.47 -17.21 -20.54
C ALA B 428 -2.37 -16.09 -21.04
N ALA B 429 -2.20 -14.90 -20.49
CA ALA B 429 -3.02 -13.76 -20.88
C ALA B 429 -2.91 -13.45 -22.37
N MET B 430 -1.73 -13.66 -22.94
CA MET B 430 -1.50 -13.35 -24.36
C MET B 430 -1.49 -14.57 -25.29
N ALA B 431 -1.70 -15.76 -24.74
CA ALA B 431 -1.65 -17.00 -25.54
C ALA B 431 -2.53 -17.04 -26.80
N ASP B 432 -3.52 -16.17 -26.88
CA ASP B 432 -4.41 -16.18 -28.04
C ASP B 432 -4.10 -15.05 -29.02
N ALA B 433 -3.05 -14.28 -28.73
CA ALA B 433 -2.68 -13.14 -29.56
C ALA B 433 -1.28 -13.24 -30.16
N LEU B 434 -0.55 -14.29 -29.80
CA LEU B 434 0.81 -14.45 -30.30
C LEU B 434 1.08 -15.88 -30.73
N PRO B 435 2.14 -16.09 -31.51
CA PRO B 435 2.46 -17.44 -31.95
C PRO B 435 2.85 -18.30 -30.75
N ALA B 436 2.49 -19.58 -30.80
CA ALA B 436 2.77 -20.51 -29.73
C ALA B 436 4.22 -20.48 -29.24
N GLU B 437 5.18 -20.38 -30.16
CA GLU B 437 6.59 -20.36 -29.79
C GLU B 437 6.97 -19.18 -28.91
N THR B 438 6.32 -18.04 -29.14
CA THR B 438 6.59 -16.83 -28.37
C THR B 438 6.00 -16.95 -26.97
N VAL B 439 4.80 -17.50 -26.91
CA VAL B 439 4.06 -17.69 -25.67
C VAL B 439 4.73 -18.59 -24.63
N ASN B 440 5.27 -19.73 -25.05
CA ASN B 440 5.88 -20.61 -24.08
C ASN B 440 7.38 -20.83 -24.22
N ARG B 441 8.08 -19.86 -24.79
CA ARG B 441 9.53 -19.98 -24.93
C ARG B 441 10.11 -19.36 -23.65
N PRO B 442 10.93 -20.13 -22.92
CA PRO B 442 11.55 -19.66 -21.67
C PRO B 442 12.17 -18.27 -21.75
N LYS B 443 12.11 -17.54 -20.63
CA LYS B 443 12.66 -16.20 -20.56
C LYS B 443 14.16 -16.22 -20.85
N LEU B 444 14.56 -15.48 -21.88
CA LEU B 444 15.96 -15.45 -22.25
C LEU B 444 16.07 -15.17 -23.74
N SER B 450 23.45 -18.62 -18.90
CA SER B 450 24.20 -19.88 -18.62
C SER B 450 25.69 -19.74 -18.95
N GLY B 451 26.43 -19.13 -18.03
CA GLY B 451 27.85 -18.93 -18.23
C GLY B 451 28.16 -17.66 -19.00
N THR B 452 27.18 -17.15 -19.72
CA THR B 452 27.33 -15.93 -20.52
C THR B 452 27.41 -14.67 -19.65
N THR B 453 28.48 -13.92 -19.86
CA THR B 453 28.75 -12.69 -19.13
C THR B 453 28.19 -11.50 -19.91
N SER B 454 27.85 -10.42 -19.21
CA SER B 454 27.35 -9.21 -19.86
C SER B 454 28.57 -8.52 -20.48
N SER B 455 28.34 -7.73 -21.53
CA SER B 455 29.46 -7.05 -22.18
C SER B 455 30.17 -6.12 -21.22
N PHE B 456 29.44 -5.54 -20.27
CA PHE B 456 30.06 -4.63 -19.30
C PHE B 456 30.98 -5.45 -18.39
N SER B 457 30.53 -6.62 -17.96
CA SER B 457 31.36 -7.47 -17.12
C SER B 457 32.55 -7.95 -17.97
N ARG B 458 32.27 -8.30 -19.22
CA ARG B 458 33.30 -8.77 -20.15
C ARG B 458 34.39 -7.70 -20.33
N LEU B 459 33.96 -6.44 -20.45
CA LEU B 459 34.89 -5.32 -20.62
C LEU B 459 35.92 -5.24 -19.49
N LEU B 460 35.47 -5.40 -18.25
CA LEU B 460 36.40 -5.33 -17.13
C LEU B 460 37.26 -6.57 -17.05
N LEU B 461 36.67 -7.73 -17.35
CA LEU B 461 37.42 -8.98 -17.33
C LEU B 461 38.51 -8.93 -18.39
N ASP B 462 38.21 -8.28 -19.52
CA ASP B 462 39.18 -8.15 -20.61
C ASP B 462 40.29 -7.19 -20.25
N HIS B 463 40.12 -6.49 -19.13
CA HIS B 463 41.12 -5.56 -18.64
C HIS B 463 41.95 -6.25 -17.57
N GLY B 464 41.59 -7.50 -17.29
CA GLY B 464 42.33 -8.25 -16.30
C GLY B 464 41.86 -8.01 -14.88
N VAL B 465 40.59 -7.67 -14.72
CA VAL B 465 40.03 -7.44 -13.38
C VAL B 465 39.59 -8.78 -12.82
N ALA B 466 40.01 -9.11 -11.60
CA ALA B 466 39.62 -10.38 -10.99
C ALA B 466 38.11 -10.47 -11.01
N GLU B 467 37.57 -11.61 -11.43
CA GLU B 467 36.12 -11.76 -11.53
C GLU B 467 35.33 -11.52 -10.24
N ASP B 468 35.98 -11.63 -9.10
CA ASP B 468 35.28 -11.41 -7.83
C ASP B 468 35.23 -9.92 -7.49
N ARG B 469 35.97 -9.11 -8.25
CA ARG B 469 36.01 -7.67 -8.03
C ARG B 469 35.39 -6.89 -9.19
N VAL B 470 34.82 -7.62 -10.15
CA VAL B 470 34.20 -7.00 -11.31
C VAL B 470 33.00 -6.12 -10.97
N HIS B 471 32.01 -6.67 -10.26
CA HIS B 471 30.82 -5.87 -9.94
C HIS B 471 31.16 -4.56 -9.24
N GLU B 472 32.09 -4.60 -8.28
CA GLU B 472 32.46 -3.38 -7.57
C GLU B 472 33.20 -2.46 -8.52
N ALA B 473 33.90 -3.05 -9.47
CA ALA B 473 34.66 -2.30 -10.47
C ALA B 473 33.69 -1.55 -11.38
N LYS B 474 32.56 -2.19 -11.69
CA LYS B 474 31.55 -1.59 -12.53
C LYS B 474 30.87 -0.47 -11.77
N ARG B 475 30.70 -0.67 -10.46
CA ARG B 475 30.07 0.34 -9.61
C ARG B 475 30.94 1.61 -9.57
N GLN B 476 32.24 1.42 -9.53
CA GLN B 476 33.17 2.55 -9.48
C GLN B 476 33.24 3.29 -10.80
N VAL B 477 33.15 2.56 -11.91
CA VAL B 477 33.20 3.16 -13.23
C VAL B 477 31.99 4.09 -13.41
N VAL B 478 30.82 3.56 -13.10
CA VAL B 478 29.58 4.33 -13.21
C VAL B 478 29.63 5.54 -12.28
N ARG B 479 30.13 5.33 -11.07
CA ARG B 479 30.25 6.40 -10.09
C ARG B 479 31.07 7.55 -10.66
N GLU B 480 32.15 7.22 -11.35
CA GLU B 480 33.01 8.25 -11.92
C GLU B 480 32.40 8.91 -13.16
N LEU B 481 31.61 8.16 -13.91
CA LEU B 481 30.96 8.72 -15.09
C LEU B 481 29.90 9.72 -14.61
N PHE B 482 29.26 9.40 -13.50
CA PHE B 482 28.24 10.26 -12.90
C PHE B 482 28.90 11.56 -12.44
N ASP B 483 30.04 11.45 -11.75
CA ASP B 483 30.73 12.64 -11.27
C ASP B 483 31.16 13.57 -12.41
N LEU B 484 31.52 13.02 -13.55
CA LEU B 484 31.94 13.82 -14.69
C LEU B 484 30.77 14.44 -15.44
N THR B 485 29.73 13.65 -15.71
CA THR B 485 28.58 14.12 -16.48
C THR B 485 27.46 14.82 -15.71
N VAL B 486 27.03 14.23 -14.60
CA VAL B 486 25.96 14.82 -13.81
C VAL B 486 26.49 15.83 -12.80
N GLY B 487 27.59 15.50 -12.14
CA GLY B 487 28.15 16.40 -11.16
C GLY B 487 29.15 17.41 -11.70
N GLY B 488 29.84 17.07 -12.79
CA GLY B 488 30.84 17.96 -13.34
C GLY B 488 30.42 18.86 -14.49
N GLY B 489 29.27 18.57 -15.09
CA GLY B 489 28.82 19.40 -16.19
C GLY B 489 29.54 19.10 -17.50
N ARG B 490 30.00 17.86 -17.64
CA ARG B 490 30.71 17.43 -18.84
C ARG B 490 29.73 16.65 -19.70
N HIS B 491 29.78 16.85 -21.01
CA HIS B 491 28.89 16.13 -21.91
C HIS B 491 29.47 14.74 -22.20
N PRO B 492 28.61 13.69 -22.26
CA PRO B 492 29.06 12.32 -22.53
C PRO B 492 30.09 12.24 -23.64
N SER B 493 29.91 13.06 -24.68
CA SER B 493 30.83 13.11 -25.82
C SER B 493 32.26 13.42 -25.38
N GLU B 494 32.39 14.21 -24.32
CA GLU B 494 33.69 14.63 -23.81
C GLU B 494 34.32 13.63 -22.85
N VAL B 495 33.60 12.55 -22.53
CA VAL B 495 34.13 11.56 -21.62
C VAL B 495 34.93 10.45 -22.28
N ASP B 496 36.18 10.29 -21.81
CA ASP B 496 37.08 9.26 -22.31
C ASP B 496 36.76 8.00 -21.51
N THR B 497 35.71 7.29 -21.91
CA THR B 497 35.29 6.08 -21.22
C THR B 497 36.42 5.08 -21.05
N ASP B 498 37.22 4.87 -22.09
CA ASP B 498 38.34 3.94 -22.03
C ASP B 498 39.28 4.32 -20.89
N ASP B 499 39.66 5.59 -20.82
CA ASP B 499 40.55 6.06 -19.78
C ASP B 499 39.98 5.75 -18.40
N VAL B 500 38.68 6.03 -18.23
CA VAL B 500 37.99 5.78 -16.97
C VAL B 500 38.09 4.32 -16.57
N VAL B 501 37.69 3.43 -17.49
CA VAL B 501 37.73 2.01 -17.20
C VAL B 501 39.15 1.53 -16.94
N ARG B 502 40.09 2.02 -17.74
CA ARG B 502 41.48 1.65 -17.59
C ARG B 502 41.92 2.08 -16.19
N SER B 503 41.56 3.30 -15.82
CA SER B 503 41.91 3.83 -14.50
C SER B 503 41.35 2.98 -13.36
N VAL B 504 40.07 2.67 -13.40
CA VAL B 504 39.46 1.86 -12.34
C VAL B 504 40.17 0.51 -12.24
N ALA B 505 40.45 -0.10 -13.39
CA ALA B 505 41.12 -1.39 -13.39
C ALA B 505 42.51 -1.29 -12.74
N ASP B 506 43.27 -0.27 -13.15
CA ASP B 506 44.62 -0.04 -12.62
C ASP B 506 44.66 0.19 -11.12
N ARG B 507 43.49 0.43 -10.53
CA ARG B 507 43.42 0.64 -9.09
C ARG B 507 42.72 -0.52 -8.39
N THR B 508 42.24 -1.47 -9.18
CA THR B 508 41.57 -2.63 -8.62
C THR B 508 42.61 -3.72 -8.36
#